data_8DB9
#
_entry.id   8DB9
#
_cell.length_a   50.406
_cell.length_b   75.382
_cell.length_c   88.856
_cell.angle_alpha   65.466
_cell.angle_beta   80.791
_cell.angle_gamma   87.323
#
_symmetry.space_group_name_H-M   'P 1'
#
loop_
_entity.id
_entity.type
_entity.pdbx_description
1 polymer 'Inosine-uridine preferring nucleoside hydrolase family protein'
2 non-polymer 'CALCIUM ION'
3 non-polymer 1-beta-D-ribofuranosyl-1H-1,2,4-triazole-3-carboximidamide
#
_entity_poly.entity_id   1
_entity_poly.type   'polypeptide(L)'
_entity_poly.pdbx_seq_one_letter_code
;MKLWIDTDCGIDDATAILICLANPSIEIVGISCIGGNASLQNVIRNVNRTLKVWGKTDIPIFGGCQAPLVQPKMEIPHIH
GGDGLGDINDNDFGTNTPNKLEKEHAVNALIHAANTIEDLNILCLAPLTNIAIALSMAPEAILKIKHFYIMGGAENGKGN
ITPYGEFNWRADPEAAQIVLQTYPQYQTTIASWTLAVFNSFNANDYDFFNLDGNLVRRFIRETWKPIIAFDGGRICPADP
LAAFIAVYGDRAIKRAERLHLSMVLEGEKLGMSLAEPDEKGCLVVKECDAELFVKILRELQDHQ
;
_entity_poly.pdbx_strand_id   A,B,C,D
#
# COMPACT_ATOMS: atom_id res chain seq x y z
N MET A 1 -11.55 -32.84 -31.92
CA MET A 1 -11.59 -32.07 -30.67
C MET A 1 -10.87 -30.74 -30.78
N LYS A 2 -11.64 -29.68 -31.00
CA LYS A 2 -11.08 -28.34 -31.11
C LYS A 2 -10.75 -27.79 -29.73
N LEU A 3 -9.75 -26.90 -29.66
CA LEU A 3 -9.18 -26.52 -28.37
C LEU A 3 -8.42 -25.20 -28.43
N TRP A 4 -8.56 -24.42 -27.35
CA TRP A 4 -8.03 -23.07 -27.17
C TRP A 4 -7.28 -23.02 -25.85
N ILE A 5 -5.99 -22.69 -25.88
CA ILE A 5 -5.15 -22.72 -24.69
C ILE A 5 -4.82 -21.29 -24.28
N ASP A 6 -4.77 -21.06 -22.96
CA ASP A 6 -4.39 -19.82 -22.32
C ASP A 6 -3.15 -20.17 -21.51
N THR A 7 -2.12 -19.32 -21.52
CA THR A 7 -0.88 -19.80 -20.92
C THR A 7 -0.01 -18.66 -20.39
N ASP A 8 0.62 -18.93 -19.24
CA ASP A 8 1.77 -18.15 -18.76
C ASP A 8 3.05 -18.88 -19.14
N CYS A 9 3.26 -19.10 -20.44
CA CYS A 9 4.29 -20.02 -20.93
C CYS A 9 5.67 -19.88 -20.30
N GLY A 10 5.87 -20.69 -19.24
CA GLY A 10 7.15 -21.11 -18.72
C GLY A 10 7.35 -22.56 -19.11
N ILE A 11 8.09 -23.31 -18.31
CA ILE A 11 8.65 -24.57 -18.82
C ILE A 11 7.58 -25.65 -18.98
N ASP A 12 6.71 -25.80 -17.98
CA ASP A 12 5.71 -26.85 -18.10
C ASP A 12 4.61 -26.49 -19.07
N ASP A 13 4.23 -25.21 -19.11
CA ASP A 13 3.33 -24.71 -20.13
C ASP A 13 3.83 -25.07 -21.52
N ALA A 14 5.12 -24.86 -21.78
CA ALA A 14 5.72 -25.23 -23.05
C ALA A 14 5.52 -26.72 -23.35
N THR A 15 6.04 -27.59 -22.47
CA THR A 15 5.87 -29.02 -22.77
C THR A 15 4.40 -29.38 -22.96
N ALA A 16 3.52 -28.81 -22.12
CA ALA A 16 2.08 -29.06 -22.24
C ALA A 16 1.53 -28.68 -23.61
N ILE A 17 2.10 -27.64 -24.23
CA ILE A 17 1.69 -27.31 -25.60
C ILE A 17 2.16 -28.38 -26.55
N LEU A 18 3.35 -28.93 -26.29
CA LEU A 18 3.87 -29.92 -27.23
C LEU A 18 3.04 -31.19 -27.19
N ILE A 19 2.51 -31.52 -26.01
CA ILE A 19 1.58 -32.64 -25.87
C ILE A 19 0.39 -32.49 -26.83
N CYS A 20 -0.18 -31.30 -26.90
CA CYS A 20 -1.33 -31.01 -27.74
C CYS A 20 -0.97 -30.82 -29.20
N LEU A 21 0.29 -30.53 -29.47
CA LEU A 21 0.77 -30.46 -30.85
C LEU A 21 1.07 -31.83 -31.45
N ALA A 22 1.48 -32.80 -30.63
CA ALA A 22 1.83 -34.10 -31.20
C ALA A 22 0.60 -34.87 -31.70
N ASN A 23 -0.57 -34.69 -31.07
CA ASN A 23 -1.71 -35.56 -31.35
C ASN A 23 -2.61 -34.95 -32.44
N PRO A 24 -2.71 -35.56 -33.65
CA PRO A 24 -3.52 -34.97 -34.73
C PRO A 24 -5.02 -35.22 -34.62
N SER A 25 -5.53 -35.37 -33.40
CA SER A 25 -6.97 -35.28 -33.15
C SER A 25 -7.34 -33.96 -32.45
N ILE A 26 -6.37 -33.05 -32.30
CA ILE A 26 -6.57 -31.75 -31.68
C ILE A 26 -6.41 -30.67 -32.74
N GLU A 27 -7.22 -29.62 -32.66
CA GLU A 27 -7.00 -28.44 -33.47
C GLU A 27 -6.90 -27.21 -32.58
N ILE A 28 -5.67 -26.78 -32.30
CA ILE A 28 -5.45 -25.59 -31.54
C ILE A 28 -6.04 -24.51 -32.36
N VAL A 29 -7.13 -23.95 -31.92
CA VAL A 29 -7.76 -22.90 -32.65
C VAL A 29 -7.10 -21.56 -32.42
N GLY A 30 -6.32 -21.44 -31.35
CA GLY A 30 -5.62 -20.23 -31.01
C GLY A 30 -4.96 -20.32 -29.66
N ILE A 31 -3.99 -19.43 -29.38
CA ILE A 31 -3.30 -19.41 -28.11
C ILE A 31 -3.31 -17.98 -27.58
N SER A 32 -3.50 -17.88 -26.27
CA SER A 32 -3.75 -16.62 -25.57
C SER A 32 -2.74 -16.47 -24.43
N CYS A 33 -2.36 -15.22 -24.17
CA CYS A 33 -1.19 -14.93 -23.38
C CYS A 33 -1.65 -14.16 -22.15
N ILE A 34 -1.09 -14.50 -21.00
CA ILE A 34 -1.35 -13.77 -19.76
C ILE A 34 -0.05 -13.70 -18.99
N GLY A 35 0.27 -12.53 -18.46
CA GLY A 35 1.41 -12.35 -17.58
C GLY A 35 1.25 -13.21 -16.36
N GLY A 36 2.16 -14.15 -16.18
CA GLY A 36 2.04 -15.11 -15.10
C GLY A 36 3.38 -15.35 -14.48
N ASN A 37 3.98 -16.50 -14.81
CA ASN A 37 5.37 -16.78 -14.42
C ASN A 37 6.31 -15.68 -14.90
N ALA A 38 6.18 -15.26 -16.16
CA ALA A 38 7.03 -14.25 -16.75
C ALA A 38 6.18 -13.02 -17.07
N SER A 39 6.86 -11.98 -17.55
CA SER A 39 6.17 -10.84 -18.12
C SER A 39 5.25 -11.36 -19.23
N LEU A 40 4.22 -10.59 -19.58
CA LEU A 40 3.39 -11.01 -20.71
C LEU A 40 4.24 -11.17 -21.99
N GLN A 41 5.07 -10.14 -22.29
CA GLN A 41 5.88 -10.12 -23.50
C GLN A 41 6.68 -11.40 -23.66
N ASN A 42 7.34 -11.83 -22.60
CA ASN A 42 8.05 -13.10 -22.67
C ASN A 42 7.13 -14.27 -22.95
N VAL A 43 5.94 -14.31 -22.36
CA VAL A 43 5.04 -15.43 -22.61
C VAL A 43 4.72 -15.55 -24.09
N ILE A 44 4.46 -14.43 -24.75
CA ILE A 44 4.20 -14.45 -26.19
C ILE A 44 5.43 -14.97 -26.95
N ARG A 45 6.61 -14.45 -26.59
CA ARG A 45 7.86 -14.92 -27.20
C ARG A 45 7.98 -16.44 -27.11
N ASN A 46 7.79 -16.98 -25.90
CA ASN A 46 7.98 -18.41 -25.69
C ASN A 46 6.94 -19.24 -26.40
N VAL A 47 5.72 -18.72 -26.50
CA VAL A 47 4.72 -19.38 -27.33
C VAL A 47 5.24 -19.51 -28.76
N ASN A 48 5.82 -18.43 -29.29
CA ASN A 48 6.47 -18.55 -30.60
C ASN A 48 7.55 -19.63 -30.59
N ARG A 49 8.37 -19.66 -29.54
CA ARG A 49 9.50 -20.58 -29.49
C ARG A 49 9.03 -22.02 -29.57
N THR A 50 7.99 -22.39 -28.84
CA THR A 50 7.53 -23.76 -28.99
C THR A 50 6.84 -24.01 -30.34
N LEU A 51 6.08 -23.05 -30.88
CA LEU A 51 5.46 -23.28 -32.19
C LEU A 51 6.50 -23.44 -33.29
N LYS A 52 7.64 -22.81 -33.12
CA LYS A 52 8.71 -22.96 -34.09
C LYS A 52 9.46 -24.27 -33.92
N VAL A 53 9.84 -24.62 -32.69
CA VAL A 53 10.39 -25.96 -32.47
C VAL A 53 9.41 -27.04 -32.93
N TRP A 54 8.14 -26.71 -33.15
CA TRP A 54 7.28 -27.71 -33.78
C TRP A 54 7.19 -27.54 -35.28
N GLY A 55 7.30 -26.30 -35.80
CA GLY A 55 7.15 -26.06 -37.23
C GLY A 55 5.70 -26.05 -37.67
N LYS A 56 4.88 -25.28 -36.96
CA LYS A 56 3.45 -25.15 -37.25
C LYS A 56 3.09 -23.71 -36.84
N THR A 57 3.58 -22.78 -37.66
CA THR A 57 3.50 -21.35 -37.40
C THR A 57 2.09 -20.77 -37.61
N ASP A 58 1.16 -21.53 -38.19
CA ASP A 58 -0.15 -21.02 -38.59
C ASP A 58 -1.19 -21.08 -37.47
N ILE A 59 -0.78 -21.14 -36.22
CA ILE A 59 -1.67 -20.98 -35.08
C ILE A 59 -1.63 -19.51 -34.66
N PRO A 60 -2.76 -18.85 -34.44
CA PRO A 60 -2.73 -17.45 -34.03
C PRO A 60 -2.48 -17.33 -32.53
N ILE A 61 -1.76 -16.25 -32.14
CA ILE A 61 -1.34 -15.99 -30.77
C ILE A 61 -1.84 -14.59 -30.41
N PHE A 62 -2.33 -14.43 -29.17
CA PHE A 62 -3.05 -13.22 -28.76
C PHE A 62 -2.55 -12.67 -27.42
N GLY A 63 -2.29 -11.34 -27.39
CA GLY A 63 -1.93 -10.68 -26.17
C GLY A 63 -3.13 -10.56 -25.23
N GLY A 64 -2.84 -10.53 -23.94
CA GLY A 64 -3.88 -10.44 -22.95
C GLY A 64 -3.58 -9.31 -21.97
N CYS A 65 -3.70 -9.63 -20.71
CA CYS A 65 -3.39 -8.71 -19.64
C CYS A 65 -1.99 -9.00 -19.10
N GLN A 66 -1.43 -8.01 -18.42
CA GLN A 66 -0.03 -8.07 -18.03
C GLN A 66 0.16 -8.44 -16.57
N ALA A 67 -0.79 -8.08 -15.71
CA ALA A 67 -0.83 -8.45 -14.32
C ALA A 67 -2.10 -9.23 -14.03
N PRO A 68 -2.16 -9.92 -12.89
CA PRO A 68 -3.45 -10.36 -12.36
C PRO A 68 -4.38 -9.19 -12.08
N LEU A 69 -5.64 -9.54 -11.74
CA LEU A 69 -6.71 -8.56 -11.62
C LEU A 69 -6.46 -7.53 -10.53
N VAL A 70 -6.35 -7.95 -9.27
CA VAL A 70 -6.03 -7.02 -8.20
C VAL A 70 -4.69 -7.32 -7.53
N GLN A 71 -4.24 -8.58 -7.55
CA GLN A 71 -3.00 -8.97 -6.90
C GLN A 71 -1.78 -8.47 -7.67
N PRO A 72 -0.65 -8.27 -6.98
CA PRO A 72 0.59 -7.93 -7.66
C PRO A 72 0.98 -9.05 -8.63
N LYS A 73 1.87 -8.76 -9.56
CA LYS A 73 2.05 -9.70 -10.67
C LYS A 73 2.89 -10.91 -10.26
N MET A 74 3.99 -10.69 -9.54
CA MET A 74 4.75 -11.77 -8.89
C MET A 74 5.23 -12.83 -9.91
N GLU A 75 6.09 -12.39 -10.84
CA GLU A 75 6.85 -13.31 -11.70
C GLU A 75 7.86 -14.11 -10.87
N ILE A 76 8.19 -15.30 -11.35
CA ILE A 76 9.10 -16.16 -10.60
C ILE A 76 10.38 -16.48 -11.37
N PRO A 77 11.29 -15.52 -11.58
CA PRO A 77 12.48 -15.82 -12.38
C PRO A 77 13.47 -16.74 -11.68
N HIS A 78 13.28 -17.03 -10.39
CA HIS A 78 14.13 -18.01 -9.74
C HIS A 78 13.70 -19.44 -10.03
N ILE A 79 12.47 -19.64 -10.50
CA ILE A 79 11.99 -20.97 -10.81
C ILE A 79 11.99 -21.24 -12.31
N HIS A 80 11.61 -20.28 -13.14
CA HIS A 80 11.53 -20.50 -14.58
C HIS A 80 12.67 -19.85 -15.38
N GLY A 81 13.59 -19.15 -14.74
CA GLY A 81 14.54 -18.32 -15.46
C GLY A 81 14.04 -16.91 -15.71
N GLY A 82 14.91 -16.12 -16.36
CA GLY A 82 14.53 -14.75 -16.69
C GLY A 82 13.60 -14.66 -17.89
N ASP A 83 13.92 -15.37 -18.98
CA ASP A 83 13.07 -15.29 -20.17
C ASP A 83 11.71 -15.94 -19.98
N GLY A 84 11.50 -16.64 -18.86
CA GLY A 84 10.35 -17.46 -18.69
C GLY A 84 10.51 -18.89 -19.18
N LEU A 85 11.47 -19.17 -20.07
CA LEU A 85 11.54 -20.49 -20.72
C LEU A 85 12.85 -21.24 -20.46
N GLY A 86 13.44 -21.10 -19.26
CA GLY A 86 14.65 -21.83 -18.91
C GLY A 86 15.92 -21.19 -19.38
N ASP A 87 15.84 -19.98 -19.94
CA ASP A 87 16.97 -19.22 -20.46
C ASP A 87 17.74 -20.01 -21.51
N ILE A 88 17.02 -20.43 -22.54
CA ILE A 88 17.63 -21.10 -23.68
C ILE A 88 17.93 -20.06 -24.76
N ASN A 89 19.02 -20.28 -25.48
CA ASN A 89 19.42 -19.38 -26.55
C ASN A 89 18.73 -19.75 -27.85
N ASP A 90 18.25 -18.74 -28.58
CA ASP A 90 17.47 -18.99 -29.78
C ASP A 90 18.34 -19.25 -31.01
N ASN A 91 19.61 -18.88 -30.97
CA ASN A 91 20.51 -19.26 -32.05
C ASN A 91 20.93 -20.72 -31.94
N ASP A 92 20.51 -21.42 -30.87
CA ASP A 92 20.69 -22.85 -30.69
C ASP A 92 19.51 -23.66 -31.23
N PHE A 93 18.41 -22.99 -31.56
CA PHE A 93 17.20 -23.64 -32.03
C PHE A 93 16.67 -23.04 -33.32
N GLY A 94 17.35 -22.07 -33.91
CA GLY A 94 16.82 -21.45 -35.11
C GLY A 94 15.51 -20.76 -34.78
N THR A 95 15.47 -20.14 -33.62
CA THR A 95 14.28 -19.42 -33.19
C THR A 95 14.59 -17.95 -33.02
N ASN A 96 15.36 -17.38 -33.96
CA ASN A 96 15.53 -15.94 -33.92
C ASN A 96 14.78 -15.29 -35.08
N THR A 97 13.45 -15.64 -35.23
CA THR A 97 12.46 -15.11 -36.14
C THR A 97 11.73 -13.94 -35.48
N PRO A 98 11.21 -12.98 -36.25
CA PRO A 98 10.24 -12.05 -35.67
C PRO A 98 9.01 -12.82 -35.21
N ASN A 99 8.27 -12.22 -34.27
CA ASN A 99 7.22 -12.95 -33.55
C ASN A 99 5.84 -12.73 -34.19
N LYS A 100 5.18 -13.81 -34.58
CA LYS A 100 3.79 -13.71 -35.01
C LYS A 100 2.90 -13.29 -33.82
N LEU A 101 2.17 -12.17 -33.98
CA LEU A 101 1.15 -11.72 -33.04
C LEU A 101 -0.06 -11.22 -33.82
N GLU A 102 -1.22 -11.31 -33.19
CA GLU A 102 -2.46 -10.84 -33.79
C GLU A 102 -2.74 -9.44 -33.25
N LYS A 103 -3.56 -8.68 -33.96
CA LYS A 103 -3.88 -7.32 -33.53
C LYS A 103 -5.17 -7.23 -32.72
N GLU A 104 -5.54 -8.32 -32.05
CA GLU A 104 -6.76 -8.32 -31.26
C GLU A 104 -6.42 -8.80 -29.85
N HIS A 105 -7.22 -8.33 -28.89
CA HIS A 105 -7.03 -8.74 -27.51
C HIS A 105 -7.50 -10.17 -27.37
N ALA A 106 -6.73 -10.96 -26.63
CA ALA A 106 -7.19 -12.31 -26.37
C ALA A 106 -8.62 -12.32 -25.81
N VAL A 107 -9.05 -11.23 -25.15
CA VAL A 107 -10.37 -11.27 -24.51
C VAL A 107 -11.47 -11.14 -25.58
N ASN A 108 -11.36 -10.16 -26.47
CA ASN A 108 -12.26 -10.11 -27.62
C ASN A 108 -12.22 -11.42 -28.40
N ALA A 109 -11.01 -11.94 -28.66
CA ALA A 109 -10.84 -13.07 -29.59
C ALA A 109 -11.35 -14.37 -28.97
N LEU A 110 -11.24 -14.52 -27.66
CA LEU A 110 -11.84 -15.67 -27.02
C LEU A 110 -13.35 -15.54 -26.98
N ILE A 111 -13.86 -14.33 -26.75
CA ILE A 111 -15.30 -14.11 -26.86
C ILE A 111 -15.79 -14.48 -28.25
N HIS A 112 -15.02 -14.12 -29.28
CA HIS A 112 -15.38 -14.42 -30.66
C HIS A 112 -15.33 -15.91 -30.93
N ALA A 113 -14.32 -16.58 -30.39
CA ALA A 113 -14.16 -18.01 -30.66
C ALA A 113 -15.21 -18.83 -29.96
N ALA A 114 -15.64 -18.35 -28.80
CA ALA A 114 -16.74 -18.97 -28.07
C ALA A 114 -18.05 -18.85 -28.85
N ASN A 115 -18.23 -17.76 -29.57
CA ASN A 115 -19.47 -17.52 -30.30
C ASN A 115 -19.51 -18.26 -31.64
N THR A 116 -18.39 -18.29 -32.38
CA THR A 116 -18.41 -18.69 -33.77
C THR A 116 -17.92 -20.11 -34.02
N ILE A 117 -17.45 -20.83 -32.99
CA ILE A 117 -16.66 -22.04 -33.19
C ILE A 117 -17.29 -23.19 -32.42
N GLU A 118 -18.09 -24.00 -33.11
CA GLU A 118 -18.88 -25.08 -32.50
C GLU A 118 -18.00 -26.07 -31.73
N ASP A 119 -18.55 -26.56 -30.61
CA ASP A 119 -17.95 -27.59 -29.73
C ASP A 119 -16.45 -27.33 -29.49
N LEU A 120 -16.17 -26.14 -28.94
CA LEU A 120 -14.83 -25.69 -28.61
C LEU A 120 -14.54 -25.98 -27.16
N ASN A 121 -13.27 -26.23 -26.86
CA ASN A 121 -12.86 -26.55 -25.51
C ASN A 121 -11.79 -25.55 -25.10
N ILE A 122 -11.45 -25.55 -23.81
CA ILE A 122 -10.43 -24.64 -23.33
C ILE A 122 -9.55 -25.37 -22.32
N LEU A 123 -8.23 -25.13 -22.39
CA LEU A 123 -7.25 -25.68 -21.45
C LEU A 123 -6.39 -24.52 -20.93
N CYS A 124 -6.53 -24.23 -19.62
CA CYS A 124 -5.97 -23.08 -18.94
C CYS A 124 -4.85 -23.54 -18.01
N LEU A 125 -3.61 -23.21 -18.37
CA LEU A 125 -2.39 -23.50 -17.63
C LEU A 125 -1.90 -22.33 -16.76
N ALA A 126 -2.64 -21.21 -16.72
CA ALA A 126 -2.20 -19.94 -16.12
C ALA A 126 -3.21 -19.39 -15.11
N PRO A 127 -2.95 -18.23 -14.50
CA PRO A 127 -4.04 -17.47 -13.86
C PRO A 127 -5.16 -17.14 -14.83
N LEU A 128 -6.38 -17.11 -14.31
CA LEU A 128 -7.57 -17.03 -15.15
C LEU A 128 -8.04 -15.59 -15.39
N THR A 129 -7.12 -14.61 -15.33
CA THR A 129 -7.49 -13.21 -15.54
C THR A 129 -8.18 -12.98 -16.89
N ASN A 130 -7.53 -13.39 -17.98
CA ASN A 130 -8.16 -13.18 -19.28
C ASN A 130 -9.56 -13.80 -19.31
N ILE A 131 -9.73 -14.95 -18.67
CA ILE A 131 -10.99 -15.69 -18.77
C ILE A 131 -12.07 -15.02 -17.94
N ALA A 132 -11.72 -14.62 -16.72
CA ALA A 132 -12.60 -13.79 -15.91
C ALA A 132 -13.05 -12.53 -16.66
N ILE A 133 -12.10 -11.79 -17.23
CA ILE A 133 -12.46 -10.53 -17.88
C ILE A 133 -13.38 -10.79 -19.07
N ALA A 134 -13.15 -11.91 -19.79
CA ALA A 134 -14.06 -12.26 -20.87
C ALA A 134 -15.40 -12.74 -20.34
N LEU A 135 -15.43 -13.40 -19.18
CA LEU A 135 -16.70 -13.78 -18.59
C LEU A 135 -17.47 -12.56 -18.11
N SER A 136 -16.79 -11.53 -17.66
CA SER A 136 -17.49 -10.32 -17.26
C SER A 136 -17.98 -9.53 -18.48
N MET A 137 -17.21 -9.51 -19.57
CA MET A 137 -17.67 -8.75 -20.72
C MET A 137 -18.76 -9.48 -21.49
N ALA A 138 -18.49 -10.72 -21.92
CA ALA A 138 -19.43 -11.54 -22.69
C ALA A 138 -19.56 -12.94 -22.09
N PRO A 139 -20.28 -13.09 -20.96
CA PRO A 139 -20.45 -14.44 -20.40
C PRO A 139 -21.31 -15.33 -21.25
N GLU A 140 -22.37 -14.76 -21.83
CA GLU A 140 -23.17 -15.50 -22.78
C GLU A 140 -22.31 -16.11 -23.87
N ALA A 141 -21.14 -15.50 -24.14
CA ALA A 141 -20.23 -16.03 -25.14
C ALA A 141 -19.44 -17.21 -24.60
N ILE A 142 -18.75 -17.01 -23.48
CA ILE A 142 -17.82 -18.01 -22.97
C ILE A 142 -18.57 -19.25 -22.46
N LEU A 143 -19.85 -19.11 -22.07
CA LEU A 143 -20.62 -20.25 -21.58
C LEU A 143 -21.17 -21.16 -22.70
N LYS A 144 -20.84 -20.87 -23.97
CA LYS A 144 -21.02 -21.83 -25.06
C LYS A 144 -19.95 -22.91 -25.05
N ILE A 145 -18.85 -22.71 -24.31
CA ILE A 145 -17.74 -23.65 -24.33
C ILE A 145 -18.19 -24.98 -23.75
N LYS A 146 -17.90 -26.05 -24.47
CA LYS A 146 -18.35 -27.37 -24.03
C LYS A 146 -17.54 -27.90 -22.86
N HIS A 147 -16.31 -27.44 -22.66
CA HIS A 147 -15.59 -27.95 -21.49
C HIS A 147 -14.37 -27.09 -21.18
N PHE A 148 -14.12 -26.95 -19.88
CA PHE A 148 -12.99 -26.24 -19.31
C PHE A 148 -12.08 -27.25 -18.62
N TYR A 149 -10.78 -27.18 -18.94
CA TYR A 149 -9.77 -27.95 -18.25
C TYR A 149 -8.81 -26.96 -17.62
N ILE A 150 -8.82 -26.86 -16.30
CA ILE A 150 -8.07 -25.82 -15.61
C ILE A 150 -7.04 -26.48 -14.70
N MET A 151 -5.88 -25.85 -14.56
CA MET A 151 -4.85 -26.35 -13.66
C MET A 151 -4.72 -25.40 -12.46
N GLY A 152 -5.19 -25.84 -11.30
CA GLY A 152 -5.00 -25.08 -10.05
C GLY A 152 -5.63 -25.75 -8.84
N GLY A 153 -5.24 -25.27 -7.65
CA GLY A 153 -5.82 -25.70 -6.38
C GLY A 153 -4.88 -26.59 -5.58
N ALA A 154 -5.32 -26.91 -4.36
CA ALA A 154 -4.56 -27.81 -3.46
C ALA A 154 -5.54 -28.61 -2.62
N GLU A 155 -6.40 -29.34 -3.32
CA GLU A 155 -7.46 -30.13 -2.72
C GLU A 155 -7.04 -31.23 -1.76
N ASN A 156 -7.99 -31.62 -0.91
CA ASN A 156 -7.77 -32.66 0.07
C ASN A 156 -8.85 -33.73 -0.10
N GLY A 157 -10.09 -33.35 0.14
CA GLY A 157 -11.22 -34.27 0.02
C GLY A 157 -10.94 -35.50 0.86
N LYS A 158 -11.07 -36.68 0.27
CA LYS A 158 -10.76 -37.91 1.02
C LYS A 158 -9.28 -38.20 0.81
N GLY A 159 -8.43 -37.78 1.75
CA GLY A 159 -6.99 -38.00 1.61
C GLY A 159 -6.16 -37.41 2.74
N ASN A 160 -6.54 -36.22 3.17
CA ASN A 160 -5.91 -35.46 4.27
C ASN A 160 -4.46 -34.93 4.17
N ILE A 161 -4.16 -34.18 3.11
CA ILE A 161 -2.85 -33.53 2.99
C ILE A 161 -2.94 -32.33 2.04
N THR A 162 -2.46 -31.19 2.51
CA THR A 162 -2.42 -29.97 1.74
C THR A 162 -1.04 -29.48 2.04
N PRO A 163 -0.25 -29.16 0.98
CA PRO A 163 1.12 -28.72 1.18
C PRO A 163 1.19 -27.26 1.44
N TYR A 164 1.71 -26.51 0.48
CA TYR A 164 1.83 -25.09 0.70
C TYR A 164 1.30 -24.21 -0.40
N GLY A 165 2.10 -24.01 -1.43
CA GLY A 165 1.68 -23.08 -2.45
C GLY A 165 1.55 -23.39 -3.90
N GLU A 166 0.34 -23.20 -4.37
CA GLU A 166 -0.03 -23.32 -5.75
C GLU A 166 0.28 -21.98 -6.39
N PHE A 167 0.56 -21.97 -7.66
CA PHE A 167 0.86 -20.70 -8.30
C PHE A 167 -0.36 -20.08 -8.95
N ASN A 168 -1.02 -20.85 -9.81
CA ASN A 168 -1.98 -20.29 -10.75
C ASN A 168 -3.16 -19.61 -10.06
N TRP A 169 -3.63 -20.16 -8.94
CA TRP A 169 -4.78 -19.56 -8.31
C TRP A 169 -4.42 -18.66 -7.14
N ARG A 170 -3.25 -18.86 -6.52
CA ARG A 170 -2.76 -17.90 -5.53
C ARG A 170 -2.39 -16.58 -6.19
N ALA A 171 -2.25 -16.55 -7.51
CA ALA A 171 -1.78 -15.38 -8.24
C ALA A 171 -2.93 -14.42 -8.57
N ASP A 172 -4.09 -14.96 -8.98
CA ASP A 172 -5.28 -14.15 -9.21
C ASP A 172 -6.49 -14.89 -8.65
N PRO A 173 -6.59 -14.94 -7.31
CA PRO A 173 -7.76 -15.61 -6.70
C PRO A 173 -9.06 -14.98 -7.10
N GLU A 174 -9.08 -13.67 -7.32
CA GLU A 174 -10.25 -13.03 -7.91
C GLU A 174 -10.63 -13.68 -9.23
N ALA A 175 -9.66 -13.94 -10.10
CA ALA A 175 -9.91 -14.53 -11.41
C ALA A 175 -10.43 -15.96 -11.31
N ALA A 176 -9.72 -16.78 -10.54
CA ALA A 176 -10.26 -18.11 -10.25
C ALA A 176 -11.69 -18.03 -9.70
N GLN A 177 -12.01 -17.06 -8.82
CA GLN A 177 -13.33 -17.05 -8.21
C GLN A 177 -14.39 -16.70 -9.25
N ILE A 178 -14.16 -15.63 -10.00
CA ILE A 178 -15.05 -15.26 -11.10
C ILE A 178 -15.36 -16.49 -11.95
N VAL A 179 -14.32 -17.25 -12.31
CA VAL A 179 -14.51 -18.43 -13.14
C VAL A 179 -15.35 -19.47 -12.41
N LEU A 180 -15.02 -19.74 -11.15
CA LEU A 180 -15.67 -20.85 -10.46
C LEU A 180 -17.16 -20.56 -10.22
N GLN A 181 -17.53 -19.28 -10.10
CA GLN A 181 -18.90 -18.84 -9.89
C GLN A 181 -19.66 -18.56 -11.18
N THR A 182 -18.97 -18.37 -12.30
CA THR A 182 -19.69 -18.11 -13.55
C THR A 182 -19.65 -19.29 -14.52
N TYR A 183 -18.67 -20.17 -14.39
CA TYR A 183 -18.81 -21.28 -15.30
C TYR A 183 -19.33 -22.49 -14.54
N PRO A 184 -20.16 -23.31 -15.19
CA PRO A 184 -20.71 -24.51 -14.53
C PRO A 184 -19.65 -25.49 -14.09
N GLN A 185 -19.36 -25.55 -12.79
CA GLN A 185 -18.30 -26.41 -12.29
C GLN A 185 -18.48 -27.86 -12.74
N TYR A 186 -19.69 -28.29 -13.09
CA TYR A 186 -19.88 -29.64 -13.62
C TYR A 186 -19.25 -29.82 -14.99
N GLN A 187 -18.95 -28.73 -15.71
CA GLN A 187 -18.29 -28.79 -17.01
C GLN A 187 -16.80 -28.50 -16.93
N THR A 188 -16.16 -28.85 -15.80
CA THR A 188 -14.81 -28.41 -15.49
C THR A 188 -14.01 -29.57 -14.91
N THR A 189 -12.79 -29.76 -15.43
CA THR A 189 -11.86 -30.74 -14.91
C THR A 189 -10.62 -30.02 -14.40
N ILE A 190 -10.02 -30.54 -13.32
CA ILE A 190 -9.05 -29.81 -12.51
C ILE A 190 -7.87 -30.73 -12.20
N ALA A 191 -6.70 -30.39 -12.72
CA ALA A 191 -5.43 -31.04 -12.36
C ALA A 191 -4.79 -30.16 -11.30
N SER A 192 -4.74 -30.66 -10.07
CA SER A 192 -4.25 -29.82 -8.99
C SER A 192 -2.72 -29.78 -8.99
N TRP A 193 -2.16 -28.73 -8.36
CA TRP A 193 -0.73 -28.76 -8.08
C TRP A 193 -0.39 -29.91 -7.15
N THR A 194 -1.34 -30.32 -6.31
CA THR A 194 -1.14 -31.51 -5.48
C THR A 194 -1.03 -32.78 -6.34
N LEU A 195 -1.82 -32.84 -7.42
CA LEU A 195 -1.64 -33.89 -8.40
C LEU A 195 -0.23 -33.86 -8.98
N ALA A 196 0.29 -32.66 -9.27
CA ALA A 196 1.67 -32.55 -9.71
C ALA A 196 2.61 -33.13 -8.68
N VAL A 197 2.54 -32.64 -7.43
CA VAL A 197 3.53 -33.00 -6.41
C VAL A 197 3.45 -34.47 -6.06
N PHE A 198 2.26 -35.05 -6.10
CA PHE A 198 2.11 -36.50 -5.91
C PHE A 198 2.53 -37.26 -7.15
N ASN A 199 2.58 -36.63 -8.32
CA ASN A 199 3.16 -37.33 -9.46
C ASN A 199 4.55 -36.81 -9.79
N SER A 200 5.39 -36.75 -8.75
CA SER A 200 6.78 -36.42 -8.94
C SER A 200 7.54 -37.59 -9.58
N PHE A 201 8.67 -37.26 -10.18
CA PHE A 201 9.71 -38.23 -10.51
C PHE A 201 11.04 -37.66 -10.02
N ASN A 202 11.89 -38.52 -9.45
CA ASN A 202 13.28 -38.18 -9.19
C ASN A 202 14.02 -38.24 -10.53
N ALA A 203 14.51 -37.09 -10.99
CA ALA A 203 15.04 -36.99 -12.35
C ALA A 203 16.17 -37.97 -12.61
N ASN A 204 16.80 -38.50 -11.55
CA ASN A 204 17.79 -39.58 -11.71
C ASN A 204 17.12 -40.85 -12.23
N ASP A 205 15.94 -41.18 -11.72
CA ASP A 205 15.38 -42.51 -11.91
C ASP A 205 14.64 -42.67 -13.23
N TYR A 206 13.99 -41.62 -13.72
CA TYR A 206 13.49 -41.66 -15.08
C TYR A 206 14.33 -40.74 -15.96
N ASP A 207 13.98 -40.74 -17.22
CA ASP A 207 14.88 -40.18 -18.21
C ASP A 207 14.15 -39.29 -19.19
N PHE A 208 12.82 -39.16 -19.10
CA PHE A 208 12.04 -38.57 -20.19
C PHE A 208 12.43 -37.12 -20.49
N PHE A 209 13.13 -36.41 -19.60
CA PHE A 209 13.54 -35.04 -19.84
C PHE A 209 15.06 -34.88 -19.88
N ASN A 210 15.78 -35.89 -20.38
CA ASN A 210 17.13 -35.71 -20.88
C ASN A 210 17.41 -36.73 -21.97
N LEU A 211 16.90 -36.44 -23.16
CA LEU A 211 17.05 -37.31 -24.31
C LEU A 211 17.50 -36.47 -25.50
N ASP A 212 18.39 -37.01 -26.31
CA ASP A 212 18.89 -36.29 -27.49
C ASP A 212 18.67 -37.10 -28.75
N GLY A 213 17.93 -36.54 -29.70
CA GLY A 213 17.66 -37.22 -30.96
C GLY A 213 17.03 -36.32 -31.99
N ASN A 214 16.39 -35.25 -31.53
CA ASN A 214 15.73 -34.31 -32.43
C ASN A 214 15.88 -32.88 -31.94
N LEU A 215 14.98 -32.01 -32.37
CA LEU A 215 15.00 -30.61 -31.97
C LEU A 215 14.03 -30.35 -30.82
N VAL A 216 13.04 -31.23 -30.68
CA VAL A 216 12.06 -31.09 -29.62
C VAL A 216 12.59 -31.74 -28.33
N ARG A 217 13.39 -32.80 -28.46
CA ARG A 217 14.14 -33.31 -27.32
C ARG A 217 15.11 -32.26 -26.74
N ARG A 218 15.89 -31.59 -27.59
CA ARG A 218 16.87 -30.63 -27.10
C ARG A 218 16.16 -29.48 -26.47
N PHE A 219 14.99 -29.17 -26.98
CA PHE A 219 14.17 -28.12 -26.44
C PHE A 219 13.74 -28.45 -25.01
N ILE A 220 13.05 -29.55 -24.85
CA ILE A 220 12.55 -29.95 -23.54
C ILE A 220 13.69 -30.17 -22.54
N ARG A 221 14.80 -30.78 -22.98
CA ARG A 221 15.90 -31.08 -22.08
C ARG A 221 16.54 -29.82 -21.49
N GLU A 222 16.83 -28.81 -22.33
CA GLU A 222 17.48 -27.66 -21.72
C GLU A 222 16.50 -26.65 -21.17
N THR A 223 15.25 -26.63 -21.64
CA THR A 223 14.22 -25.84 -20.96
C THR A 223 13.99 -26.33 -19.54
N TRP A 224 13.85 -27.64 -19.35
CA TRP A 224 13.40 -28.09 -18.04
C TRP A 224 14.46 -27.96 -16.96
N LYS A 225 15.73 -27.73 -17.33
CA LYS A 225 16.85 -27.82 -16.39
C LYS A 225 16.62 -27.06 -15.08
N PRO A 226 16.37 -25.72 -15.13
CA PRO A 226 16.36 -24.90 -13.89
C PRO A 226 15.25 -25.21 -12.90
N ILE A 227 14.01 -25.34 -13.40
CA ILE A 227 12.86 -25.63 -12.55
C ILE A 227 12.95 -27.05 -12.00
N ILE A 228 13.51 -27.99 -12.78
CA ILE A 228 13.81 -29.30 -12.23
C ILE A 228 14.74 -29.15 -11.03
N ALA A 229 15.89 -28.49 -11.22
CA ALA A 229 16.86 -28.33 -10.13
C ALA A 229 16.34 -27.46 -8.98
N PHE A 230 15.24 -26.74 -9.20
CA PHE A 230 14.67 -25.89 -8.16
C PHE A 230 13.53 -26.57 -7.40
N ASP A 231 12.91 -27.55 -8.05
CA ASP A 231 11.80 -28.29 -7.43
C ASP A 231 12.31 -29.44 -6.57
N GLY A 232 13.63 -29.49 -6.37
CA GLY A 232 14.25 -30.53 -5.58
C GLY A 232 14.90 -31.61 -6.39
N GLY A 233 15.36 -31.29 -7.60
CA GLY A 233 15.77 -32.31 -8.56
C GLY A 233 14.61 -33.12 -9.05
N ARG A 234 13.40 -32.64 -8.84
CA ARG A 234 12.21 -33.44 -9.03
C ARG A 234 11.40 -32.85 -10.17
N ILE A 235 10.84 -33.73 -10.97
CA ILE A 235 9.95 -33.34 -12.05
C ILE A 235 8.52 -33.50 -11.53
N CYS A 236 7.84 -32.37 -11.31
CA CYS A 236 6.47 -32.38 -10.82
C CYS A 236 5.53 -31.83 -11.88
N PRO A 237 4.95 -32.73 -12.69
CA PRO A 237 4.03 -32.34 -13.77
C PRO A 237 2.82 -31.56 -13.25
N ALA A 238 2.81 -30.26 -13.50
CA ALA A 238 1.72 -29.40 -13.07
C ALA A 238 0.93 -28.90 -14.28
N ASP A 239 1.65 -28.65 -15.37
CA ASP A 239 1.04 -28.18 -16.61
C ASP A 239 0.84 -29.33 -17.57
N PRO A 240 1.87 -30.16 -17.75
CA PRO A 240 1.82 -31.32 -18.64
C PRO A 240 0.62 -32.20 -18.34
N LEU A 241 0.38 -32.46 -17.06
CA LEU A 241 -0.76 -33.30 -16.65
C LEU A 241 -2.08 -32.64 -17.04
N ALA A 242 -2.19 -31.33 -16.87
CA ALA A 242 -3.38 -30.65 -17.40
C ALA A 242 -3.64 -31.07 -18.85
N ALA A 243 -2.63 -30.94 -19.72
CA ALA A 243 -2.84 -31.29 -21.13
C ALA A 243 -3.04 -32.79 -21.33
N PHE A 244 -2.30 -33.60 -20.57
CA PHE A 244 -2.36 -35.06 -20.66
C PHE A 244 -3.76 -35.59 -20.41
N ILE A 245 -4.47 -35.01 -19.43
CA ILE A 245 -5.87 -35.38 -19.24
C ILE A 245 -6.79 -34.65 -20.22
N ALA A 246 -6.50 -33.38 -20.53
CA ALA A 246 -7.38 -32.58 -21.38
C ALA A 246 -7.47 -33.06 -22.83
N VAL A 247 -6.54 -33.88 -23.31
CA VAL A 247 -6.88 -34.49 -24.60
C VAL A 247 -7.17 -35.98 -24.45
N TYR A 248 -6.53 -36.63 -23.49
CA TYR A 248 -6.75 -38.08 -23.41
C TYR A 248 -8.02 -38.46 -22.61
N GLY A 249 -8.90 -37.50 -22.31
CA GLY A 249 -10.26 -37.75 -21.82
C GLY A 249 -10.28 -38.62 -20.58
N ASP A 250 -11.25 -39.53 -20.53
CA ASP A 250 -11.40 -40.43 -19.40
C ASP A 250 -10.47 -41.64 -19.54
N ARG A 251 -9.61 -41.59 -20.55
CA ARG A 251 -8.66 -42.67 -20.80
C ARG A 251 -7.27 -42.31 -20.27
N ALA A 252 -7.24 -41.49 -19.24
CA ALA A 252 -5.97 -41.06 -18.64
C ALA A 252 -6.16 -40.74 -17.16
N ILE A 253 -7.38 -40.96 -16.66
CA ILE A 253 -7.68 -40.69 -15.27
C ILE A 253 -7.78 -41.97 -14.46
N LYS A 254 -7.36 -41.89 -13.20
CA LYS A 254 -7.39 -43.05 -12.31
C LYS A 254 -8.46 -42.88 -11.24
N ARG A 255 -8.38 -41.76 -10.52
CA ARG A 255 -9.34 -41.46 -9.45
C ARG A 255 -9.76 -40.00 -9.52
N ALA A 256 -11.00 -39.76 -9.95
CA ALA A 256 -11.53 -38.41 -10.05
C ALA A 256 -12.57 -38.12 -8.98
N GLU A 257 -12.41 -37.00 -8.29
CA GLU A 257 -13.33 -36.60 -7.22
C GLU A 257 -14.15 -35.39 -7.65
N ARG A 258 -15.40 -35.34 -7.20
CA ARG A 258 -16.29 -34.23 -7.53
C ARG A 258 -16.52 -33.34 -6.32
N LEU A 259 -15.94 -32.15 -6.33
CA LEU A 259 -16.09 -31.21 -5.23
C LEU A 259 -16.46 -29.82 -5.72
N HIS A 260 -17.20 -29.08 -4.89
CA HIS A 260 -17.61 -27.72 -5.24
C HIS A 260 -16.58 -26.71 -4.74
N LEU A 261 -15.60 -26.40 -5.58
CA LEU A 261 -14.55 -25.46 -5.23
C LEU A 261 -15.08 -24.07 -4.88
N SER A 262 -14.41 -23.43 -3.94
CA SER A 262 -14.80 -22.09 -3.49
C SER A 262 -13.57 -21.29 -3.06
N MET A 263 -13.07 -20.46 -3.97
CA MET A 263 -11.88 -19.66 -3.70
C MET A 263 -12.11 -18.67 -2.56
N VAL A 264 -11.11 -18.54 -1.68
CA VAL A 264 -11.18 -17.63 -0.55
C VAL A 264 -10.56 -16.29 -0.93
N LEU A 265 -11.40 -15.27 -1.11
CA LEU A 265 -10.93 -13.95 -1.48
C LEU A 265 -10.70 -13.03 -0.29
N GLU A 266 -10.66 -13.61 0.90
CA GLU A 266 -10.43 -12.83 2.12
C GLU A 266 -9.91 -13.71 3.25
N GLY A 267 -9.54 -13.06 4.36
CA GLY A 267 -9.01 -13.75 5.51
C GLY A 267 -7.51 -13.96 5.41
N GLU A 268 -6.95 -14.71 6.35
CA GLU A 268 -5.51 -14.98 6.36
C GLU A 268 -5.11 -15.70 5.09
N LYS A 269 -5.82 -16.78 4.78
CA LYS A 269 -5.53 -17.58 3.58
C LYS A 269 -6.30 -17.04 2.37
N LEU A 270 -5.64 -16.21 1.58
CA LEU A 270 -6.26 -15.64 0.39
C LEU A 270 -5.83 -16.37 -0.87
N GLY A 271 -4.90 -17.31 -0.72
CA GLY A 271 -4.41 -18.10 -1.83
C GLY A 271 -4.98 -19.50 -1.85
N MET A 272 -5.50 -19.93 -0.70
CA MET A 272 -6.08 -21.26 -0.56
C MET A 272 -7.50 -21.30 -1.12
N SER A 273 -8.05 -22.50 -1.24
CA SER A 273 -9.39 -22.69 -1.76
C SER A 273 -10.14 -23.78 -1.01
N LEU A 274 -11.44 -23.60 -0.82
CA LEU A 274 -12.26 -24.58 -0.13
C LEU A 274 -13.05 -25.43 -1.12
N ALA A 275 -13.43 -26.63 -0.69
CA ALA A 275 -14.18 -27.54 -1.55
C ALA A 275 -14.94 -28.58 -0.74
N GLU A 276 -16.04 -29.06 -1.29
CA GLU A 276 -16.87 -30.07 -0.64
C GLU A 276 -17.48 -31.01 -1.66
N PRO A 277 -17.44 -32.33 -1.36
CA PRO A 277 -17.98 -33.39 -2.22
C PRO A 277 -19.35 -33.05 -2.81
N ASP A 278 -19.35 -32.42 -3.98
CA ASP A 278 -20.58 -32.04 -4.66
C ASP A 278 -20.68 -32.71 -6.02
N GLU A 279 -21.83 -33.31 -6.31
CA GLU A 279 -22.05 -33.98 -7.59
C GLU A 279 -22.07 -33.01 -8.76
N LYS A 280 -22.55 -31.80 -8.51
CA LYS A 280 -22.63 -30.78 -9.56
C LYS A 280 -21.45 -29.81 -9.49
N GLY A 281 -20.27 -30.34 -9.17
CA GLY A 281 -19.08 -29.52 -9.08
C GLY A 281 -18.10 -29.79 -10.20
N CYS A 282 -16.82 -29.55 -9.94
CA CYS A 282 -15.78 -29.76 -10.95
C CYS A 282 -15.26 -31.18 -10.88
N LEU A 283 -14.48 -31.57 -11.89
CA LEU A 283 -13.91 -32.91 -11.95
C LEU A 283 -12.46 -32.93 -11.48
N VAL A 284 -12.28 -32.82 -10.16
CA VAL A 284 -10.94 -32.82 -9.57
C VAL A 284 -10.30 -34.20 -9.66
N VAL A 285 -9.24 -34.31 -10.46
CA VAL A 285 -8.53 -35.57 -10.62
C VAL A 285 -7.50 -35.77 -9.52
N LYS A 286 -7.57 -36.91 -8.85
CA LYS A 286 -6.64 -37.22 -7.76
C LYS A 286 -5.45 -38.03 -8.26
N GLU A 287 -5.72 -39.09 -9.01
CA GLU A 287 -4.67 -39.94 -9.55
C GLU A 287 -4.77 -40.05 -11.06
N CYS A 288 -3.65 -40.36 -11.71
CA CYS A 288 -3.60 -40.49 -13.16
C CYS A 288 -2.64 -41.59 -13.58
N ASP A 289 -2.72 -42.00 -14.84
CA ASP A 289 -1.86 -43.04 -15.37
C ASP A 289 -0.43 -42.53 -15.54
N ALA A 290 0.38 -42.72 -14.51
CA ALA A 290 1.76 -42.28 -14.53
C ALA A 290 2.60 -43.08 -15.51
N GLU A 291 2.26 -44.36 -15.67
CA GLU A 291 2.97 -45.24 -16.57
C GLU A 291 2.66 -44.93 -18.03
N LEU A 292 1.46 -44.44 -18.28
CA LEU A 292 1.03 -44.10 -19.65
C LEU A 292 1.42 -42.68 -20.02
N PHE A 293 1.55 -41.82 -19.02
CA PHE A 293 1.92 -40.43 -19.24
C PHE A 293 3.37 -40.30 -19.69
N VAL A 294 4.29 -40.99 -18.99
CA VAL A 294 5.68 -40.95 -19.42
C VAL A 294 5.85 -41.48 -20.84
N LYS A 295 4.96 -42.36 -21.30
CA LYS A 295 5.09 -42.88 -22.66
C LYS A 295 4.76 -41.81 -23.70
N ILE A 296 3.77 -40.96 -23.42
CA ILE A 296 3.52 -39.87 -24.35
C ILE A 296 4.65 -38.85 -24.28
N LEU A 297 5.26 -38.69 -23.11
CA LEU A 297 6.45 -37.84 -23.01
C LEU A 297 7.56 -38.34 -23.93
N ARG A 298 7.76 -39.67 -23.98
CA ARG A 298 8.77 -40.21 -24.89
C ARG A 298 8.32 -40.11 -26.35
N GLU A 299 7.07 -40.45 -26.62
CA GLU A 299 6.51 -40.60 -27.96
C GLU A 299 6.25 -39.28 -28.67
N LEU A 300 6.27 -38.15 -27.97
CA LEU A 300 6.26 -36.90 -28.72
C LEU A 300 7.66 -36.44 -29.10
N GLN A 301 8.70 -36.97 -28.44
CA GLN A 301 10.08 -36.57 -28.68
C GLN A 301 10.77 -37.42 -29.73
N ASP A 302 10.08 -37.67 -30.84
CA ASP A 302 10.61 -38.53 -31.90
C ASP A 302 11.06 -37.69 -33.11
N HIS A 303 11.60 -38.39 -34.10
CA HIS A 303 12.39 -37.78 -35.17
C HIS A 303 11.56 -37.51 -36.43
N MET B 1 -11.80 21.32 -24.74
CA MET B 1 -11.82 20.21 -23.80
C MET B 1 -12.65 19.11 -24.37
N LYS B 2 -12.31 17.85 -24.07
CA LYS B 2 -12.93 16.68 -24.70
C LYS B 2 -13.07 15.56 -23.68
N LEU B 3 -14.31 15.13 -23.44
CA LEU B 3 -14.68 14.36 -22.26
C LEU B 3 -15.51 13.14 -22.61
N TRP B 4 -15.24 12.07 -21.88
CA TRP B 4 -15.96 10.80 -21.97
C TRP B 4 -16.54 10.54 -20.60
N ILE B 5 -17.83 10.15 -20.54
CA ILE B 5 -18.56 9.96 -19.29
C ILE B 5 -19.03 8.52 -19.15
N ASP B 6 -18.76 7.92 -17.99
CA ASP B 6 -19.30 6.60 -17.64
C ASP B 6 -20.26 6.78 -16.46
N THR B 7 -21.49 6.32 -16.64
CA THR B 7 -22.56 6.67 -15.73
C THR B 7 -23.47 5.47 -15.43
N ASP B 8 -24.01 5.44 -14.22
CA ASP B 8 -25.07 4.49 -13.88
C ASP B 8 -26.39 5.25 -13.78
N CYS B 9 -26.70 6.02 -14.82
CA CYS B 9 -27.62 7.14 -14.74
C CYS B 9 -28.85 6.89 -13.89
N GLY B 10 -28.78 7.34 -12.66
CA GLY B 10 -29.93 7.76 -11.91
C GLY B 10 -30.16 9.24 -12.10
N ILE B 11 -31.03 9.77 -11.26
CA ILE B 11 -31.41 11.18 -11.30
C ILE B 11 -30.18 12.06 -11.47
N ASP B 12 -29.23 11.92 -10.55
CA ASP B 12 -28.15 12.90 -10.47
C ASP B 12 -27.16 12.76 -11.62
N ASP B 13 -27.00 11.54 -12.14
CA ASP B 13 -26.19 11.38 -13.34
C ASP B 13 -26.81 12.10 -14.52
N ALA B 14 -28.13 12.01 -14.67
CA ALA B 14 -28.77 12.72 -15.77
C ALA B 14 -28.57 14.20 -15.62
N THR B 15 -28.67 14.69 -14.39
CA THR B 15 -28.47 16.11 -14.14
C THR B 15 -27.06 16.54 -14.49
N ALA B 16 -26.05 15.73 -14.09
CA ALA B 16 -24.66 16.00 -14.44
C ALA B 16 -24.45 16.01 -15.95
N ILE B 17 -25.03 15.04 -16.65
CA ILE B 17 -24.92 15.01 -18.10
C ILE B 17 -25.47 16.29 -18.71
N LEU B 18 -26.60 16.76 -18.19
CA LEU B 18 -27.12 18.06 -18.60
C LEU B 18 -26.10 19.16 -18.35
N ILE B 19 -25.42 19.12 -17.21
CA ILE B 19 -24.36 20.12 -16.97
C ILE B 19 -23.36 20.12 -18.13
N CYS B 20 -22.77 18.95 -18.43
CA CYS B 20 -21.75 18.90 -19.49
C CYS B 20 -22.31 19.20 -20.87
N LEU B 21 -23.61 18.99 -21.08
CA LEU B 21 -24.23 19.30 -22.37
C LEU B 21 -24.49 20.79 -22.51
N ALA B 22 -24.77 21.45 -21.40
CA ALA B 22 -25.10 22.86 -21.40
C ALA B 22 -23.92 23.72 -21.79
N ASN B 23 -22.73 23.24 -21.49
CA ASN B 23 -21.54 24.02 -21.73
C ASN B 23 -21.08 23.78 -23.15
N PRO B 24 -21.05 24.81 -24.00
CA PRO B 24 -20.48 24.61 -25.32
C PRO B 24 -19.00 24.25 -25.28
N SER B 25 -18.24 24.69 -24.28
CA SER B 25 -16.82 24.38 -24.26
C SER B 25 -16.54 22.88 -24.28
N ILE B 26 -17.51 22.07 -23.86
CA ILE B 26 -17.34 20.67 -23.52
C ILE B 26 -17.81 19.82 -24.69
N GLU B 27 -16.88 19.03 -25.26
CA GLU B 27 -17.13 18.04 -26.32
C GLU B 27 -17.31 16.69 -25.66
N ILE B 28 -18.55 16.22 -25.58
CA ILE B 28 -18.80 14.85 -25.12
C ILE B 28 -18.56 13.91 -26.30
N VAL B 29 -17.69 12.92 -26.11
CA VAL B 29 -17.35 12.04 -27.20
C VAL B 29 -18.04 10.69 -27.08
N GLY B 30 -18.10 10.12 -25.89
CA GLY B 30 -18.89 8.93 -25.68
C GLY B 30 -19.62 9.04 -24.36
N ILE B 31 -20.70 8.26 -24.24
CA ILE B 31 -21.27 7.92 -22.94
C ILE B 31 -21.20 6.41 -22.76
N SER B 32 -20.78 5.97 -21.58
CA SER B 32 -20.65 4.58 -21.21
C SER B 32 -21.55 4.28 -20.02
N CYS B 33 -22.21 3.11 -20.03
CA CYS B 33 -23.26 2.79 -19.07
C CYS B 33 -22.94 1.54 -18.26
N ILE B 34 -22.92 1.69 -16.94
CA ILE B 34 -22.71 0.60 -16.00
C ILE B 34 -23.95 0.48 -15.11
N GLY B 35 -24.18 -0.72 -14.59
CA GLY B 35 -25.25 -0.90 -13.62
C GLY B 35 -24.90 -0.33 -12.26
N GLY B 36 -25.91 0.24 -11.59
CA GLY B 36 -25.75 0.77 -10.26
C GLY B 36 -27.05 1.25 -9.67
N ASN B 37 -27.29 2.56 -9.74
CA ASN B 37 -28.56 3.13 -9.33
C ASN B 37 -29.72 2.40 -9.98
N ALA B 38 -29.59 2.13 -11.28
CA ALA B 38 -30.54 1.39 -12.08
C ALA B 38 -29.78 0.35 -12.89
N SER B 39 -30.55 -0.60 -13.43
CA SER B 39 -29.96 -1.68 -14.20
C SER B 39 -29.41 -1.15 -15.53
N LEU B 40 -28.32 -1.77 -16.00
CA LEU B 40 -27.70 -1.30 -17.24
C LEU B 40 -28.74 -1.05 -18.31
N GLN B 41 -29.69 -2.00 -18.45
CA GLN B 41 -30.83 -1.87 -19.37
C GLN B 41 -31.59 -0.57 -19.17
N ASN B 42 -31.77 -0.16 -17.91
CA ASN B 42 -32.47 1.09 -17.65
C ASN B 42 -31.55 2.29 -17.80
N VAL B 43 -30.27 2.12 -17.50
CA VAL B 43 -29.35 3.27 -17.54
C VAL B 43 -29.18 3.74 -18.97
N ILE B 44 -29.11 2.79 -19.90
CA ILE B 44 -29.12 3.14 -21.33
C ILE B 44 -30.36 3.97 -21.66
N ARG B 45 -31.53 3.51 -21.19
CA ARG B 45 -32.80 4.19 -21.50
C ARG B 45 -32.85 5.56 -20.90
N ASN B 46 -32.36 5.69 -19.66
CA ASN B 46 -32.36 6.98 -18.99
C ASN B 46 -31.42 7.97 -19.69
N VAL B 47 -30.27 7.51 -20.19
CA VAL B 47 -29.41 8.46 -20.89
C VAL B 47 -30.02 8.85 -22.22
N ASN B 48 -30.66 7.90 -22.91
CA ASN B 48 -31.47 8.26 -24.07
C ASN B 48 -32.47 9.38 -23.72
N ARG B 49 -33.24 9.18 -22.64
CA ARG B 49 -34.21 10.18 -22.22
C ARG B 49 -33.60 11.57 -22.02
N THR B 50 -32.43 11.65 -21.40
CA THR B 50 -31.83 12.96 -21.16
C THR B 50 -31.30 13.60 -22.45
N LEU B 51 -30.57 12.84 -23.27
CA LEU B 51 -30.12 13.40 -24.53
C LEU B 51 -31.30 13.87 -25.37
N LYS B 52 -32.47 13.25 -25.15
CA LYS B 52 -33.69 13.64 -25.85
C LYS B 52 -34.22 14.97 -25.33
N VAL B 53 -34.33 15.13 -24.00
CA VAL B 53 -34.91 16.36 -23.48
C VAL B 53 -34.00 17.55 -23.77
N TRP B 54 -32.66 17.38 -23.62
CA TRP B 54 -31.77 18.50 -23.95
C TRP B 54 -31.77 18.80 -25.44
N GLY B 55 -31.86 17.76 -26.28
CA GLY B 55 -31.86 17.97 -27.71
C GLY B 55 -30.51 17.77 -28.36
N LYS B 56 -29.61 17.05 -27.69
CA LYS B 56 -28.33 16.72 -28.31
C LYS B 56 -28.27 15.22 -28.60
N THR B 57 -29.26 14.75 -29.35
CA THR B 57 -29.46 13.34 -29.67
C THR B 57 -28.47 12.92 -30.75
N ASP B 58 -27.17 13.03 -30.43
CA ASP B 58 -26.07 12.70 -31.36
C ASP B 58 -24.90 11.99 -30.70
N ILE B 59 -24.70 12.06 -29.39
CA ILE B 59 -23.52 11.42 -28.75
C ILE B 59 -23.70 9.90 -28.75
N PRO B 60 -22.64 9.11 -28.92
CA PRO B 60 -22.79 7.65 -28.85
C PRO B 60 -22.89 7.12 -27.42
N ILE B 61 -23.55 5.96 -27.31
CA ILE B 61 -23.83 5.29 -26.04
C ILE B 61 -23.38 3.83 -26.13
N PHE B 62 -22.73 3.34 -25.06
CA PHE B 62 -22.25 1.97 -25.02
C PHE B 62 -22.68 1.28 -23.74
N GLY B 63 -23.11 0.03 -23.90
CA GLY B 63 -23.45 -0.84 -22.80
C GLY B 63 -22.24 -1.59 -22.27
N GLY B 64 -21.85 -1.26 -21.03
CA GLY B 64 -20.74 -1.90 -20.39
C GLY B 64 -21.16 -3.17 -19.69
N CYS B 65 -20.64 -3.36 -18.48
CA CYS B 65 -20.97 -4.56 -17.71
C CYS B 65 -22.26 -4.35 -16.93
N GLN B 66 -22.87 -5.49 -16.55
CA GLN B 66 -24.09 -5.54 -15.74
C GLN B 66 -23.81 -6.12 -14.36
N ALA B 67 -22.58 -6.01 -13.86
CA ALA B 67 -22.22 -6.64 -12.59
C ALA B 67 -20.89 -6.07 -12.11
N PRO B 68 -20.50 -6.42 -10.88
CA PRO B 68 -19.22 -6.04 -10.30
C PRO B 68 -18.15 -7.01 -10.78
N LEU B 69 -16.88 -6.68 -10.58
CA LEU B 69 -15.79 -7.56 -11.02
C LEU B 69 -15.82 -8.94 -10.34
N VAL B 70 -15.81 -8.94 -9.02
CA VAL B 70 -15.83 -10.16 -8.23
C VAL B 70 -17.04 -10.26 -7.33
N GLN B 71 -17.41 -9.17 -6.65
CA GLN B 71 -18.46 -9.24 -5.63
C GLN B 71 -19.79 -9.65 -6.27
N PRO B 72 -20.62 -10.40 -5.56
CA PRO B 72 -21.90 -10.82 -6.15
C PRO B 72 -22.85 -9.63 -6.35
N LYS B 73 -23.71 -9.78 -7.34
CA LYS B 73 -24.73 -8.78 -7.61
C LYS B 73 -25.75 -8.78 -6.47
N MET B 74 -26.18 -7.58 -6.07
CA MET B 74 -27.15 -7.42 -5.00
C MET B 74 -28.56 -7.21 -5.59
N GLU B 75 -29.54 -6.97 -4.71
CA GLU B 75 -30.92 -6.77 -5.15
C GLU B 75 -31.09 -5.38 -5.77
N ILE B 76 -31.87 -5.32 -6.84
CA ILE B 76 -32.07 -4.12 -7.63
C ILE B 76 -32.42 -2.96 -6.69
N PRO B 77 -31.57 -1.93 -6.67
CA PRO B 77 -31.75 -0.76 -5.80
C PRO B 77 -32.97 0.06 -6.21
N HIS B 78 -33.84 0.32 -5.25
CA HIS B 78 -35.04 1.12 -5.49
C HIS B 78 -34.80 2.58 -5.11
N ILE B 79 -33.56 2.89 -4.75
CA ILE B 79 -33.18 4.24 -4.37
C ILE B 79 -33.58 5.24 -5.43
N HIS B 80 -33.53 4.84 -6.70
CA HIS B 80 -33.91 5.76 -7.75
C HIS B 80 -35.22 5.36 -8.42
N GLY B 81 -35.93 4.37 -7.88
CA GLY B 81 -37.23 3.98 -8.38
C GLY B 81 -37.15 2.86 -9.39
N GLY B 82 -38.33 2.45 -9.85
CA GLY B 82 -38.40 1.33 -10.76
C GLY B 82 -37.58 1.52 -12.02
N ASP B 83 -37.81 2.63 -12.72
CA ASP B 83 -37.06 2.98 -13.92
C ASP B 83 -35.67 3.54 -13.62
N GLY B 84 -35.34 3.72 -12.33
CA GLY B 84 -34.05 4.19 -11.88
C GLY B 84 -33.83 5.69 -11.96
N LEU B 85 -34.87 6.49 -12.20
CA LEU B 85 -34.69 7.98 -12.30
C LEU B 85 -36.03 8.69 -12.03
N GLY B 86 -36.39 8.66 -10.75
CA GLY B 86 -37.62 9.28 -10.29
C GLY B 86 -38.87 8.70 -10.92
N ASP B 87 -38.69 7.62 -11.68
CA ASP B 87 -39.79 6.94 -12.36
C ASP B 87 -40.68 7.92 -13.15
N ILE B 88 -40.10 8.54 -14.16
CA ILE B 88 -40.85 9.49 -14.99
C ILE B 88 -41.58 8.77 -16.11
N ASN B 89 -42.55 9.45 -16.73
CA ASN B 89 -43.32 8.87 -17.81
C ASN B 89 -42.82 9.41 -19.14
N ASP B 90 -42.79 8.55 -20.16
CA ASP B 90 -42.25 8.92 -21.45
C ASP B 90 -43.27 9.57 -22.38
N ASN B 91 -44.54 9.61 -21.99
CA ASN B 91 -45.52 10.45 -22.66
C ASN B 91 -45.64 11.82 -21.99
N ASP B 92 -45.21 11.94 -20.73
CA ASP B 92 -45.11 13.20 -20.00
C ASP B 92 -43.83 13.99 -20.36
N PHE B 93 -43.06 13.51 -21.32
CA PHE B 93 -41.89 14.23 -21.81
C PHE B 93 -41.70 14.12 -23.32
N GLY B 94 -42.43 13.23 -23.98
CA GLY B 94 -42.28 13.04 -25.40
C GLY B 94 -41.05 12.19 -25.70
N THR B 95 -40.57 11.47 -24.67
CA THR B 95 -39.40 10.62 -24.80
C THR B 95 -39.78 9.18 -25.18
N ASN B 96 -40.93 9.05 -25.84
CA ASN B 96 -41.45 7.76 -26.29
C ASN B 96 -41.00 7.47 -27.72
N THR B 97 -39.68 7.30 -27.86
CA THR B 97 -38.91 7.39 -29.08
C THR B 97 -37.91 6.25 -29.11
N PRO B 98 -37.68 5.62 -30.27
CA PRO B 98 -36.65 4.56 -30.33
C PRO B 98 -35.33 5.08 -29.80
N ASN B 99 -34.66 4.25 -29.02
CA ASN B 99 -33.41 4.66 -28.38
C ASN B 99 -32.24 4.43 -29.33
N LYS B 100 -31.04 4.74 -28.86
CA LYS B 100 -29.83 4.64 -29.68
C LYS B 100 -28.80 3.88 -28.87
N LEU B 101 -28.02 3.03 -29.55
CA LEU B 101 -27.01 2.22 -28.86
C LEU B 101 -26.08 1.56 -29.88
N GLU B 102 -24.79 1.51 -29.54
CA GLU B 102 -23.78 0.97 -30.42
C GLU B 102 -23.64 -0.54 -30.34
N LYS B 103 -22.59 -1.05 -30.95
CA LYS B 103 -22.34 -2.48 -30.96
C LYS B 103 -21.08 -2.85 -30.19
N GLU B 104 -20.39 -1.87 -29.60
CA GLU B 104 -19.19 -2.22 -28.88
C GLU B 104 -19.41 -2.15 -27.39
N HIS B 105 -18.90 -3.14 -26.70
CA HIS B 105 -18.82 -3.04 -25.26
C HIS B 105 -18.15 -1.73 -24.88
N ALA B 106 -18.73 -1.06 -23.88
CA ALA B 106 -18.18 0.20 -23.39
C ALA B 106 -16.71 0.07 -23.01
N VAL B 107 -16.26 -1.13 -22.62
CA VAL B 107 -14.84 -1.36 -22.42
C VAL B 107 -14.09 -1.19 -23.73
N ASN B 108 -14.52 -1.92 -24.77
CA ASN B 108 -13.92 -1.78 -26.09
C ASN B 108 -13.98 -0.33 -26.58
N ALA B 109 -15.14 0.32 -26.42
CA ALA B 109 -15.28 1.73 -26.82
C ALA B 109 -14.29 2.64 -26.10
N LEU B 110 -14.25 2.57 -24.76
CA LEU B 110 -13.41 3.50 -23.99
C LEU B 110 -11.94 3.28 -24.28
N ILE B 111 -11.52 2.02 -24.43
CA ILE B 111 -10.16 1.77 -24.87
C ILE B 111 -9.90 2.46 -26.21
N HIS B 112 -10.84 2.35 -27.17
CA HIS B 112 -10.65 3.05 -28.44
C HIS B 112 -10.48 4.56 -28.24
N ALA B 113 -11.37 5.15 -27.43
CA ALA B 113 -11.32 6.57 -27.11
C ALA B 113 -9.97 6.99 -26.54
N ALA B 114 -9.39 6.15 -25.68
CA ALA B 114 -8.09 6.43 -25.09
C ALA B 114 -6.96 6.30 -26.10
N ASN B 115 -7.07 5.37 -27.05
CA ASN B 115 -6.02 5.28 -28.07
C ASN B 115 -6.10 6.41 -29.10
N THR B 116 -7.27 7.05 -29.29
CA THR B 116 -7.48 7.91 -30.45
C THR B 116 -7.82 9.37 -30.13
N ILE B 117 -8.06 9.73 -28.88
CA ILE B 117 -8.57 11.06 -28.56
C ILE B 117 -7.46 11.84 -27.86
N GLU B 118 -6.87 12.80 -28.58
CA GLU B 118 -5.85 13.63 -27.98
C GLU B 118 -6.48 14.56 -26.95
N ASP B 119 -5.98 14.50 -25.72
CA ASP B 119 -6.46 15.34 -24.63
C ASP B 119 -7.91 14.95 -24.25
N LEU B 120 -8.07 13.66 -23.93
CA LEU B 120 -9.36 13.10 -23.52
C LEU B 120 -9.44 13.06 -21.99
N ASN B 121 -10.48 13.67 -21.44
CA ASN B 121 -10.75 13.61 -20.02
C ASN B 121 -11.89 12.63 -19.76
N ILE B 122 -11.85 11.96 -18.62
CA ILE B 122 -12.94 11.05 -18.31
C ILE B 122 -13.68 11.57 -17.09
N LEU B 123 -14.99 11.28 -17.05
CA LEU B 123 -15.86 11.72 -15.97
C LEU B 123 -16.64 10.51 -15.49
N CYS B 124 -16.27 9.96 -14.35
CA CYS B 124 -16.74 8.64 -13.92
C CYS B 124 -17.76 8.80 -12.79
N LEU B 125 -19.04 8.73 -13.15
CA LEU B 125 -20.14 8.98 -12.23
C LEU B 125 -20.80 7.68 -11.81
N ALA B 126 -20.03 6.67 -11.47
CA ALA B 126 -20.70 5.41 -11.20
C ALA B 126 -19.73 4.40 -10.60
N PRO B 127 -20.16 3.18 -10.31
CA PRO B 127 -19.21 2.10 -10.05
C PRO B 127 -18.33 1.83 -11.25
N LEU B 128 -17.04 1.67 -11.01
CA LEU B 128 -16.02 1.76 -12.06
C LEU B 128 -15.66 0.40 -12.66
N THR B 129 -16.58 -0.57 -12.71
CA THR B 129 -16.25 -1.87 -13.28
C THR B 129 -15.72 -1.74 -14.71
N ASN B 130 -16.33 -0.86 -15.50
CA ASN B 130 -15.83 -0.56 -16.83
C ASN B 130 -14.37 -0.16 -16.82
N ILE B 131 -14.05 0.95 -16.15
CA ILE B 131 -12.71 1.51 -16.24
C ILE B 131 -11.68 0.54 -15.72
N ALA B 132 -12.03 -0.22 -14.68
CA ALA B 132 -11.12 -1.23 -14.13
C ALA B 132 -10.79 -2.31 -15.15
N ILE B 133 -11.82 -2.88 -15.77
CA ILE B 133 -11.56 -3.88 -16.80
C ILE B 133 -10.81 -3.24 -17.96
N ALA B 134 -11.11 -1.97 -18.22
CA ALA B 134 -10.46 -1.25 -19.30
C ALA B 134 -8.97 -1.10 -19.05
N LEU B 135 -8.62 -0.80 -17.80
CA LEU B 135 -7.22 -0.72 -17.37
C LEU B 135 -6.54 -2.08 -17.46
N SER B 136 -7.24 -3.13 -17.03
CA SER B 136 -6.60 -4.44 -17.04
C SER B 136 -6.44 -5.01 -18.45
N MET B 137 -7.34 -4.70 -19.38
CA MET B 137 -7.20 -5.18 -20.75
C MET B 137 -6.05 -4.47 -21.47
N ALA B 138 -6.14 -3.14 -21.64
CA ALA B 138 -5.18 -2.37 -22.43
C ALA B 138 -4.71 -1.17 -21.61
N PRO B 139 -3.93 -1.41 -20.55
CA PRO B 139 -3.50 -0.30 -19.68
C PRO B 139 -2.78 0.83 -20.42
N GLU B 140 -1.91 0.46 -21.36
CA GLU B 140 -1.17 1.43 -22.16
C GLU B 140 -2.10 2.29 -22.99
N ALA B 141 -3.34 1.86 -23.20
CA ALA B 141 -4.35 2.74 -23.79
C ALA B 141 -4.90 3.69 -22.75
N ILE B 142 -5.47 3.15 -21.67
CA ILE B 142 -6.18 3.99 -20.72
C ILE B 142 -5.28 5.10 -20.18
N LEU B 143 -4.01 4.77 -19.84
CA LEU B 143 -3.18 5.77 -19.15
C LEU B 143 -2.91 7.00 -20.00
N LYS B 144 -3.24 6.97 -21.31
CA LYS B 144 -3.19 8.16 -22.14
C LYS B 144 -4.24 9.20 -21.75
N ILE B 145 -5.28 8.82 -21.00
CA ILE B 145 -6.39 9.74 -20.69
C ILE B 145 -5.88 10.95 -19.92
N LYS B 146 -6.20 12.14 -20.42
CA LYS B 146 -5.58 13.37 -19.93
C LYS B 146 -5.83 13.58 -18.44
N HIS B 147 -6.96 13.09 -17.94
CA HIS B 147 -7.30 13.29 -16.54
C HIS B 147 -8.55 12.49 -16.22
N PHE B 148 -8.73 12.24 -14.92
CA PHE B 148 -9.83 11.45 -14.37
C PHE B 148 -10.59 12.31 -13.38
N TYR B 149 -11.84 12.57 -13.65
CA TYR B 149 -12.69 13.23 -12.69
C TYR B 149 -13.70 12.20 -12.23
N ILE B 150 -13.58 11.74 -11.00
CA ILE B 150 -14.34 10.58 -10.53
C ILE B 150 -15.23 11.00 -9.36
N MET B 151 -16.39 10.37 -9.27
CA MET B 151 -17.29 10.48 -8.13
C MET B 151 -17.27 9.16 -7.38
N GLY B 152 -16.96 9.22 -6.09
CA GLY B 152 -17.11 8.05 -5.26
C GLY B 152 -16.26 8.14 -4.01
N GLY B 153 -16.49 7.18 -3.13
CA GLY B 153 -15.71 6.96 -1.93
C GLY B 153 -15.90 8.05 -0.89
N ALA B 154 -16.57 7.74 0.21
CA ALA B 154 -16.75 8.68 1.31
C ALA B 154 -15.63 8.45 2.33
N GLU B 155 -14.61 9.31 2.28
CA GLU B 155 -13.37 9.15 3.04
C GLU B 155 -13.43 9.71 4.44
N ASN B 156 -14.35 10.62 4.72
CA ASN B 156 -14.45 11.16 6.07
C ASN B 156 -15.28 10.28 6.98
N GLY B 157 -15.39 9.00 6.65
CA GLY B 157 -16.43 8.21 7.25
C GLY B 157 -17.75 8.31 6.52
N LYS B 158 -18.69 9.10 7.04
CA LYS B 158 -20.12 8.84 6.83
C LYS B 158 -20.50 8.97 5.33
N GLY B 159 -21.22 7.93 4.86
CA GLY B 159 -21.53 7.64 3.47
C GLY B 159 -23.00 7.47 3.12
N ASN B 160 -23.37 6.37 2.43
CA ASN B 160 -24.76 6.19 2.00
C ASN B 160 -25.33 4.77 2.20
N ILE B 161 -24.54 3.75 1.87
CA ILE B 161 -24.98 2.36 2.03
C ILE B 161 -24.66 1.83 3.42
N THR B 162 -23.38 1.68 3.71
CA THR B 162 -22.94 1.18 5.01
C THR B 162 -22.79 2.32 6.01
N PRO B 163 -22.36 1.99 7.24
CA PRO B 163 -22.16 2.99 8.31
C PRO B 163 -21.18 4.09 7.89
N TYR B 164 -20.11 3.70 7.22
CA TYR B 164 -19.10 4.66 6.78
C TYR B 164 -18.42 4.22 5.48
N GLY B 165 -19.21 4.11 4.41
CA GLY B 165 -18.68 3.70 3.13
C GLY B 165 -19.25 4.57 2.03
N GLU B 166 -19.45 4.02 0.83
CA GLU B 166 -19.94 4.84 -0.28
C GLU B 166 -20.47 3.93 -1.37
N PHE B 167 -21.56 4.35 -2.01
CA PHE B 167 -22.33 3.43 -2.83
C PHE B 167 -21.54 2.96 -4.04
N ASN B 168 -21.01 3.90 -4.82
CA ASN B 168 -20.35 3.56 -6.07
C ASN B 168 -19.13 2.65 -5.84
N TRP B 169 -18.27 2.98 -4.88
CA TRP B 169 -17.10 2.14 -4.65
C TRP B 169 -17.43 0.87 -3.87
N ARG B 170 -18.38 0.91 -2.94
CA ARG B 170 -18.78 -0.34 -2.32
C ARG B 170 -19.33 -1.32 -3.35
N ALA B 171 -19.94 -0.80 -4.42
CA ALA B 171 -20.49 -1.64 -5.48
C ALA B 171 -19.40 -2.44 -6.19
N ASP B 172 -18.21 -1.93 -6.26
CA ASP B 172 -17.12 -2.77 -6.72
C ASP B 172 -15.79 -2.26 -6.19
N PRO B 173 -15.50 -2.55 -4.91
CA PRO B 173 -14.26 -2.12 -4.28
C PRO B 173 -13.05 -2.53 -5.11
N GLU B 174 -13.16 -3.68 -5.78
CA GLU B 174 -12.07 -4.18 -6.62
C GLU B 174 -11.90 -3.27 -7.83
N ALA B 175 -13.01 -2.86 -8.42
CA ALA B 175 -12.99 -1.97 -9.58
C ALA B 175 -12.30 -0.66 -9.21
N ALA B 176 -12.65 -0.12 -8.06
CA ALA B 176 -12.05 1.13 -7.59
C ALA B 176 -10.55 0.97 -7.41
N GLN B 177 -10.13 -0.03 -6.65
CA GLN B 177 -8.71 -0.15 -6.32
C GLN B 177 -7.87 -0.50 -7.53
N ILE B 178 -8.44 -1.25 -8.48
CA ILE B 178 -7.85 -1.31 -9.81
C ILE B 178 -7.54 0.09 -10.29
N VAL B 179 -8.54 0.98 -10.31
CA VAL B 179 -8.28 2.35 -10.79
C VAL B 179 -7.15 3.00 -10.01
N LEU B 180 -7.24 2.96 -8.69
CA LEU B 180 -6.35 3.73 -7.82
C LEU B 180 -4.90 3.24 -7.87
N GLN B 181 -4.68 1.96 -8.10
CA GLN B 181 -3.31 1.49 -8.24
C GLN B 181 -2.87 1.38 -9.70
N THR B 182 -3.77 1.58 -10.65
CA THR B 182 -3.41 1.60 -12.05
C THR B 182 -3.40 3.00 -12.62
N TYR B 183 -4.37 3.81 -12.29
CA TYR B 183 -4.17 5.09 -12.96
C TYR B 183 -3.49 6.08 -12.02
N PRO B 184 -2.56 6.91 -12.53
CA PRO B 184 -1.77 7.78 -11.64
C PRO B 184 -2.65 8.78 -10.90
N GLN B 185 -2.62 8.67 -9.57
CA GLN B 185 -3.56 9.43 -8.74
C GLN B 185 -3.34 10.93 -8.83
N TYR B 186 -2.13 11.37 -9.18
CA TYR B 186 -1.89 12.79 -9.43
C TYR B 186 -2.77 13.33 -10.55
N GLN B 187 -3.09 12.51 -11.55
CA GLN B 187 -3.91 12.95 -12.66
C GLN B 187 -5.38 12.60 -12.51
N THR B 188 -5.86 12.42 -11.27
CA THR B 188 -7.28 12.22 -11.02
C THR B 188 -7.78 13.21 -9.99
N THR B 189 -9.06 13.58 -10.11
CA THR B 189 -9.75 14.37 -9.11
C THR B 189 -10.97 13.60 -8.64
N ILE B 190 -11.23 13.62 -7.34
CA ILE B 190 -12.21 12.75 -6.72
C ILE B 190 -13.27 13.58 -5.98
N ALA B 191 -14.55 13.32 -6.28
CA ALA B 191 -15.68 13.93 -5.60
C ALA B 191 -16.30 12.88 -4.68
N SER B 192 -16.22 13.12 -3.38
CA SER B 192 -16.64 12.12 -2.43
C SER B 192 -18.08 12.38 -2.01
N TRP B 193 -18.74 11.32 -1.53
CA TRP B 193 -20.07 11.50 -0.99
C TRP B 193 -20.07 12.50 0.16
N THR B 194 -19.00 12.53 0.96
CA THR B 194 -18.92 13.49 2.05
C THR B 194 -18.99 14.92 1.54
N LEU B 195 -18.34 15.21 0.41
CA LEU B 195 -18.53 16.53 -0.18
C LEU B 195 -19.96 16.73 -0.65
N ALA B 196 -20.67 15.63 -0.94
CA ALA B 196 -22.07 15.72 -1.33
C ALA B 196 -22.97 16.00 -0.15
N VAL B 197 -22.62 15.52 1.03
CA VAL B 197 -23.47 15.80 2.18
C VAL B 197 -23.10 17.15 2.80
N PHE B 198 -21.83 17.54 2.70
CA PHE B 198 -21.34 18.79 3.25
C PHE B 198 -21.93 20.00 2.51
N ASN B 199 -22.21 19.85 1.21
CA ASN B 199 -22.90 20.86 0.43
C ASN B 199 -24.39 20.56 0.28
N SER B 200 -24.94 19.71 1.15
CA SER B 200 -26.33 19.32 1.02
C SER B 200 -27.25 20.51 1.31
N PHE B 201 -28.07 20.85 0.32
CA PHE B 201 -29.00 21.95 0.41
C PHE B 201 -30.28 21.54 1.11
N ASN B 202 -30.84 22.48 1.85
CA ASN B 202 -32.17 22.30 2.41
C ASN B 202 -33.20 22.30 1.28
N ALA B 203 -34.20 21.43 1.39
CA ALA B 203 -35.14 21.29 0.28
C ALA B 203 -36.05 22.50 0.15
N ASN B 204 -36.53 23.07 1.26
CA ASN B 204 -37.47 24.19 1.14
C ASN B 204 -36.78 25.56 1.13
N ASP B 205 -35.45 25.62 1.23
CA ASP B 205 -34.72 26.87 1.04
C ASP B 205 -34.28 27.11 -0.40
N TYR B 206 -34.28 26.09 -1.27
CA TYR B 206 -33.81 26.20 -2.64
C TYR B 206 -34.83 25.65 -3.61
N ASP B 207 -34.92 26.28 -4.80
CA ASP B 207 -36.03 26.08 -5.73
C ASP B 207 -35.63 25.59 -7.11
N PHE B 208 -34.33 25.52 -7.42
CA PHE B 208 -33.91 25.22 -8.79
C PHE B 208 -34.30 23.80 -9.20
N PHE B 209 -34.94 23.07 -8.29
CA PHE B 209 -35.50 21.75 -8.59
C PHE B 209 -37.01 21.77 -8.62
N ASN B 210 -37.60 22.94 -8.90
CA ASN B 210 -39.05 23.20 -8.96
C ASN B 210 -39.26 24.50 -9.77
N LEU B 211 -39.25 24.35 -11.11
CA LEU B 211 -39.50 25.45 -12.05
C LEU B 211 -40.33 24.92 -13.20
N ASP B 212 -40.76 25.82 -14.09
CA ASP B 212 -41.32 25.41 -15.39
C ASP B 212 -41.08 26.51 -16.40
N GLY B 213 -41.53 26.25 -17.63
CA GLY B 213 -41.15 27.08 -18.74
C GLY B 213 -40.53 26.29 -19.89
N ASN B 214 -39.83 25.20 -19.59
CA ASN B 214 -39.34 24.31 -20.64
C ASN B 214 -39.17 22.91 -20.06
N LEU B 215 -38.95 21.96 -20.98
CA LEU B 215 -38.92 20.54 -20.62
C LEU B 215 -37.70 20.22 -19.78
N VAL B 216 -36.65 21.04 -19.89
CA VAL B 216 -35.50 20.86 -19.05
C VAL B 216 -35.87 21.04 -17.59
N ARG B 217 -36.60 22.11 -17.28
CA ARG B 217 -37.02 22.40 -15.91
C ARG B 217 -37.99 21.35 -15.38
N ARG B 218 -38.91 20.89 -16.23
CA ARG B 218 -39.87 19.85 -15.88
C ARG B 218 -39.16 18.55 -15.53
N PHE B 219 -38.26 18.10 -16.40
CA PHE B 219 -37.33 17.02 -16.12
C PHE B 219 -36.70 17.19 -14.75
N ILE B 220 -35.97 18.28 -14.56
CA ILE B 220 -35.20 18.45 -13.33
C ILE B 220 -36.09 18.22 -12.11
N ARG B 221 -37.24 18.89 -12.05
CA ARG B 221 -38.03 18.78 -10.82
C ARG B 221 -38.68 17.40 -10.67
N GLU B 222 -39.24 16.82 -11.74
CA GLU B 222 -39.92 15.55 -11.54
C GLU B 222 -38.94 14.40 -11.37
N THR B 223 -37.70 14.54 -11.84
CA THR B 223 -36.71 13.50 -11.58
C THR B 223 -36.13 13.62 -10.18
N TRP B 224 -35.82 14.85 -9.78
CA TRP B 224 -35.23 15.05 -8.47
C TRP B 224 -36.24 14.91 -7.34
N LYS B 225 -37.54 14.94 -7.63
CA LYS B 225 -38.53 14.83 -6.56
C LYS B 225 -38.34 13.58 -5.71
N PRO B 226 -38.34 12.36 -6.25
CA PRO B 226 -38.36 11.18 -5.37
C PRO B 226 -37.08 10.98 -4.58
N ILE B 227 -35.95 11.48 -5.08
CA ILE B 227 -34.73 11.27 -4.30
C ILE B 227 -34.57 12.36 -3.25
N ILE B 228 -35.03 13.59 -3.53
CA ILE B 228 -35.01 14.65 -2.52
C ILE B 228 -35.59 14.15 -1.22
N ALA B 229 -36.60 13.26 -1.31
CA ALA B 229 -37.19 12.67 -0.13
C ALA B 229 -36.30 11.60 0.49
N PHE B 230 -35.55 10.85 -0.34
CA PHE B 230 -34.68 9.80 0.19
C PHE B 230 -33.52 10.38 1.00
N ASP B 231 -33.01 11.54 0.62
CA ASP B 231 -32.02 12.21 1.44
C ASP B 231 -32.66 13.04 2.58
N GLY B 232 -33.88 12.70 2.97
CA GLY B 232 -34.58 13.43 4.01
C GLY B 232 -34.75 14.90 3.68
N GLY B 233 -35.25 15.19 2.48
CA GLY B 233 -35.52 16.56 2.09
C GLY B 233 -34.30 17.43 1.95
N ARG B 234 -33.23 16.92 1.32
CA ARG B 234 -32.02 17.68 1.07
C ARG B 234 -31.42 17.22 -0.26
N ILE B 235 -30.71 18.14 -0.90
CA ILE B 235 -30.13 17.93 -2.22
C ILE B 235 -28.68 17.50 -2.03
N CYS B 236 -28.37 16.22 -2.30
CA CYS B 236 -27.02 15.68 -2.16
C CYS B 236 -26.41 15.45 -3.54
N PRO B 237 -25.97 16.53 -4.21
CA PRO B 237 -25.37 16.47 -5.54
C PRO B 237 -24.06 15.69 -5.56
N ALA B 238 -24.14 14.37 -5.72
CA ALA B 238 -22.96 13.53 -5.76
C ALA B 238 -22.32 13.59 -7.15
N ASP B 239 -23.14 13.40 -8.18
CA ASP B 239 -22.67 13.44 -9.55
C ASP B 239 -22.69 14.85 -10.14
N PRO B 240 -23.74 15.66 -9.91
CA PRO B 240 -23.69 17.05 -10.43
C PRO B 240 -22.45 17.78 -9.99
N LEU B 241 -22.00 17.55 -8.75
CA LEU B 241 -20.77 18.17 -8.32
C LEU B 241 -19.55 17.56 -9.00
N ALA B 242 -19.47 16.23 -9.09
CA ALA B 242 -18.35 15.70 -9.83
C ALA B 242 -18.25 16.35 -11.21
N ALA B 243 -19.39 16.59 -11.87
CA ALA B 243 -19.39 17.12 -13.23
C ALA B 243 -19.03 18.60 -13.29
N PHE B 244 -19.68 19.39 -12.44
CA PHE B 244 -19.38 20.81 -12.34
C PHE B 244 -17.89 21.03 -12.15
N ILE B 245 -17.29 20.36 -11.16
CA ILE B 245 -15.85 20.49 -10.96
C ILE B 245 -15.10 20.04 -12.22
N ALA B 246 -15.43 18.86 -12.78
CA ALA B 246 -14.68 18.37 -13.92
C ALA B 246 -14.57 19.42 -15.02
N VAL B 247 -15.68 20.05 -15.36
CA VAL B 247 -15.70 20.95 -16.51
C VAL B 247 -15.28 22.39 -16.21
N TYR B 248 -15.32 22.84 -14.96
CA TYR B 248 -14.84 24.21 -14.77
C TYR B 248 -13.47 24.31 -14.10
N GLY B 249 -12.99 23.29 -13.39
CA GLY B 249 -11.65 23.36 -12.85
C GLY B 249 -11.48 24.30 -11.66
N ASP B 250 -10.78 25.42 -11.86
CA ASP B 250 -10.24 26.16 -10.72
C ASP B 250 -11.18 27.23 -10.18
N ARG B 251 -12.31 27.50 -10.84
CA ARG B 251 -13.37 28.30 -10.23
C ARG B 251 -14.46 27.44 -9.64
N ALA B 252 -14.22 26.12 -9.53
CA ALA B 252 -14.94 25.19 -8.69
C ALA B 252 -14.17 24.76 -7.44
N ILE B 253 -12.84 24.80 -7.48
CA ILE B 253 -11.98 24.41 -6.36
C ILE B 253 -11.94 25.53 -5.31
N LYS B 254 -12.08 25.16 -4.03
CA LYS B 254 -11.87 26.08 -2.92
C LYS B 254 -10.68 25.66 -2.06
N ARG B 255 -10.67 24.39 -1.65
CA ARG B 255 -9.70 23.73 -0.77
C ARG B 255 -9.92 22.24 -1.07
N ALA B 256 -9.05 21.68 -1.89
CA ALA B 256 -9.11 20.26 -2.13
C ALA B 256 -7.81 19.64 -1.65
N GLU B 257 -7.90 18.58 -0.86
CA GLU B 257 -6.71 18.03 -0.26
C GLU B 257 -6.10 16.97 -1.17
N ARG B 258 -4.78 17.02 -1.28
CA ARG B 258 -4.01 16.03 -2.00
C ARG B 258 -3.80 14.84 -1.09
N LEU B 259 -4.20 13.65 -1.54
CA LEU B 259 -4.26 12.44 -0.74
C LEU B 259 -4.02 11.25 -1.66
N HIS B 260 -3.41 10.19 -1.12
CA HIS B 260 -3.35 8.89 -1.77
C HIS B 260 -4.43 8.00 -1.17
N LEU B 261 -5.10 7.24 -2.01
CA LEU B 261 -6.22 6.44 -1.55
C LEU B 261 -5.97 4.96 -1.68
N SER B 262 -6.83 4.20 -1.01
CA SER B 262 -6.83 2.76 -1.11
C SER B 262 -8.19 2.26 -0.64
N MET B 263 -8.52 1.06 -1.07
CA MET B 263 -9.75 0.39 -0.71
C MET B 263 -9.43 -0.80 0.18
N VAL B 264 -10.44 -1.19 0.92
CA VAL B 264 -10.32 -2.21 1.94
C VAL B 264 -11.21 -3.36 1.52
N LEU B 265 -10.61 -4.39 0.92
CA LEU B 265 -11.37 -5.49 0.37
C LEU B 265 -11.30 -6.72 1.27
N GLU B 266 -11.15 -6.48 2.57
CA GLU B 266 -10.99 -7.57 3.52
C GLU B 266 -11.40 -7.09 4.90
N GLY B 267 -12.36 -7.78 5.52
CA GLY B 267 -12.92 -7.34 6.77
C GLY B 267 -14.39 -7.00 6.61
N GLU B 268 -14.97 -6.36 7.61
CA GLU B 268 -16.38 -5.97 7.56
C GLU B 268 -16.56 -4.62 6.88
N LYS B 269 -15.44 -3.93 6.70
CA LYS B 269 -15.42 -2.62 6.10
C LYS B 269 -15.06 -2.69 4.61
N LEU B 270 -15.60 -3.69 3.94
CA LEU B 270 -15.34 -3.88 2.51
C LEU B 270 -16.03 -2.80 1.68
N GLY B 271 -15.33 -1.68 1.48
CA GLY B 271 -15.87 -0.58 0.70
C GLY B 271 -15.54 0.77 1.27
N MET B 272 -14.63 0.81 2.23
CA MET B 272 -14.22 2.05 2.86
C MET B 272 -13.14 2.70 2.00
N SER B 273 -13.41 3.92 1.55
CA SER B 273 -12.34 4.79 1.08
C SER B 273 -11.38 5.10 2.24
N LEU B 274 -10.13 4.62 2.18
CA LEU B 274 -9.13 5.01 3.17
C LEU B 274 -8.06 5.86 2.51
N ALA B 275 -7.59 6.88 3.21
CA ALA B 275 -6.78 7.90 2.58
C ALA B 275 -5.63 8.31 3.48
N GLU B 276 -4.52 8.71 2.83
CA GLU B 276 -3.24 9.00 3.47
C GLU B 276 -2.71 10.22 2.70
N PRO B 277 -2.31 11.30 3.35
CA PRO B 277 -1.90 12.49 2.58
C PRO B 277 -0.60 12.31 1.80
N ASP B 278 -0.63 12.75 0.54
CA ASP B 278 0.48 12.79 -0.42
C ASP B 278 0.23 13.91 -1.41
N GLU B 279 1.30 14.59 -1.85
CA GLU B 279 1.15 15.60 -2.90
C GLU B 279 1.11 14.98 -4.30
N LYS B 280 1.59 13.74 -4.47
CA LYS B 280 1.55 13.04 -5.74
C LYS B 280 0.36 12.08 -5.85
N GLY B 281 -0.67 12.27 -5.00
CA GLY B 281 -1.92 11.54 -5.09
C GLY B 281 -3.07 12.35 -5.68
N CYS B 282 -4.29 11.84 -5.49
CA CYS B 282 -5.55 12.46 -5.88
C CYS B 282 -5.79 13.82 -5.23
N LEU B 283 -6.34 14.75 -6.01
CA LEU B 283 -6.87 16.00 -5.47
C LEU B 283 -8.36 15.77 -5.16
N VAL B 284 -8.67 15.36 -3.92
CA VAL B 284 -10.07 15.18 -3.55
C VAL B 284 -10.60 16.48 -2.97
N VAL B 285 -11.67 16.97 -3.58
CA VAL B 285 -12.28 18.25 -3.21
C VAL B 285 -13.01 18.11 -1.88
N LYS B 286 -12.85 19.12 -1.02
CA LYS B 286 -13.52 19.07 0.27
C LYS B 286 -14.53 20.19 0.42
N GLU B 287 -14.31 21.31 -0.24
CA GLU B 287 -15.33 22.37 -0.31
C GLU B 287 -15.50 22.83 -1.74
N CYS B 288 -16.59 23.52 -1.95
CA CYS B 288 -17.09 23.91 -3.24
C CYS B 288 -17.25 25.43 -3.31
N ASP B 289 -17.45 25.92 -4.52
CA ASP B 289 -18.01 27.24 -4.77
C ASP B 289 -19.51 27.05 -4.96
N ALA B 290 -20.29 27.24 -3.89
CA ALA B 290 -21.70 26.87 -3.94
C ALA B 290 -22.53 27.86 -4.76
N GLU B 291 -22.30 29.16 -4.56
CA GLU B 291 -23.07 30.17 -5.27
C GLU B 291 -22.93 30.01 -6.80
N LEU B 292 -21.77 29.60 -7.29
CA LEU B 292 -21.62 29.45 -8.74
C LEU B 292 -22.21 28.14 -9.26
N PHE B 293 -22.16 27.07 -8.47
CA PHE B 293 -22.92 25.87 -8.81
C PHE B 293 -24.41 26.18 -8.94
N VAL B 294 -24.98 26.90 -7.97
CA VAL B 294 -26.37 27.29 -8.16
C VAL B 294 -26.51 28.09 -9.45
N LYS B 295 -25.61 29.06 -9.69
CA LYS B 295 -25.84 29.97 -10.81
C LYS B 295 -25.61 29.35 -12.19
N ILE B 296 -24.99 28.18 -12.30
CA ILE B 296 -24.89 27.53 -13.59
C ILE B 296 -26.03 26.54 -13.75
N LEU B 297 -26.40 25.89 -12.63
CA LEU B 297 -27.57 25.03 -12.65
C LEU B 297 -28.81 25.80 -13.11
N ARG B 298 -28.98 27.03 -12.63
CA ARG B 298 -30.08 27.87 -13.10
C ARG B 298 -29.91 28.31 -14.55
N GLU B 299 -28.67 28.38 -15.06
CA GLU B 299 -28.45 28.73 -16.46
C GLU B 299 -29.02 27.65 -17.37
N LEU B 300 -28.60 26.40 -17.21
CA LEU B 300 -28.95 25.38 -18.20
C LEU B 300 -30.47 25.21 -18.35
N GLN B 301 -31.24 25.45 -17.29
CA GLN B 301 -32.69 25.27 -17.33
C GLN B 301 -33.45 26.46 -17.92
N ASP B 302 -32.76 27.51 -18.37
CA ASP B 302 -33.47 28.57 -19.06
C ASP B 302 -33.83 28.13 -20.47
N HIS B 303 -34.74 28.89 -21.09
CA HIS B 303 -35.21 28.65 -22.44
C HIS B 303 -34.66 29.68 -23.44
N GLN B 304 -34.07 30.78 -22.96
CA GLN B 304 -33.49 31.85 -23.80
C GLN B 304 -32.63 31.34 -24.96
N MET C 1 32.49 -12.15 19.99
CA MET C 1 32.30 -11.84 18.58
C MET C 1 31.31 -10.66 18.35
N LYS C 2 31.89 -9.50 18.07
CA LYS C 2 31.18 -8.23 17.86
C LYS C 2 30.91 -8.02 16.38
N LEU C 3 29.68 -7.61 16.06
CA LEU C 3 29.15 -7.85 14.72
C LEU C 3 28.09 -6.81 14.34
N TRP C 4 28.38 -6.02 13.32
CA TRP C 4 27.42 -5.05 12.79
C TRP C 4 26.68 -5.68 11.63
N ILE C 5 25.41 -5.32 11.48
CA ILE C 5 24.51 -5.97 10.54
C ILE C 5 23.89 -4.92 9.67
N ASP C 6 23.85 -5.18 8.38
CA ASP C 6 23.17 -4.34 7.42
C ASP C 6 22.03 -5.17 6.86
N THR C 7 20.83 -4.61 6.81
CA THR C 7 19.76 -5.44 6.26
C THR C 7 18.72 -4.57 5.60
N ASP C 8 18.12 -5.14 4.55
CA ASP C 8 16.94 -4.52 3.95
C ASP C 8 15.65 -5.14 4.48
N CYS C 9 15.63 -5.47 5.79
CA CYS C 9 14.70 -6.36 6.49
C CYS C 9 13.50 -6.92 5.75
N GLY C 10 13.67 -8.12 5.20
CA GLY C 10 12.56 -8.95 4.84
C GLY C 10 12.43 -10.12 5.81
N ILE C 11 11.66 -11.09 5.36
CA ILE C 11 11.33 -12.24 6.21
C ILE C 11 12.58 -13.04 6.54
N ASP C 12 13.41 -13.33 5.53
CA ASP C 12 14.65 -14.06 5.77
C ASP C 12 15.57 -13.31 6.74
N ASP C 13 15.74 -12.01 6.50
CA ASP C 13 16.59 -11.18 7.36
C ASP C 13 16.24 -11.39 8.81
N ALA C 14 14.94 -11.33 9.12
CA ALA C 14 14.51 -11.25 10.52
C ALA C 14 15.04 -12.45 11.28
N THR C 15 14.83 -13.64 10.73
CA THR C 15 15.30 -14.85 11.40
C THR C 15 16.83 -15.01 11.28
N ALA C 16 17.45 -14.48 10.22
CA ALA C 16 18.89 -14.37 10.26
C ALA C 16 19.35 -13.56 11.49
N ILE C 17 18.58 -12.54 11.86
CA ILE C 17 18.93 -11.70 13.02
C ILE C 17 18.72 -12.47 14.30
N LEU C 18 17.57 -13.14 14.41
CA LEU C 18 17.29 -13.92 15.61
C LEU C 18 18.38 -14.97 15.85
N ILE C 19 18.96 -15.54 14.77
CA ILE C 19 20.13 -16.42 14.93
C ILE C 19 21.16 -15.75 15.81
N CYS C 20 21.27 -14.43 15.70
CA CYS C 20 22.34 -13.68 16.34
C CYS C 20 21.91 -13.23 17.74
N LEU C 21 20.65 -12.86 17.88
CA LEU C 21 20.16 -12.52 19.21
C LEU C 21 20.28 -13.72 20.15
N ALA C 22 20.01 -14.93 19.66
CA ALA C 22 20.01 -16.13 20.52
C ALA C 22 21.41 -16.64 20.86
N ASN C 23 22.48 -16.11 20.27
CA ASN C 23 23.82 -16.61 20.58
C ASN C 23 24.49 -15.73 21.63
N PRO C 24 24.75 -16.26 22.83
CA PRO C 24 25.44 -15.46 23.86
C PRO C 24 26.95 -15.25 23.65
N SER C 25 27.55 -15.69 22.53
CA SER C 25 28.93 -15.37 22.13
C SER C 25 28.99 -14.27 21.06
N ILE C 26 27.84 -13.73 20.69
CA ILE C 26 27.67 -12.70 19.67
C ILE C 26 27.17 -11.45 20.35
N GLU C 27 27.64 -10.30 19.90
CA GLU C 27 27.19 -9.01 20.41
C GLU C 27 26.96 -8.11 19.20
N ILE C 28 25.70 -8.07 18.74
CA ILE C 28 25.34 -7.21 17.63
C ILE C 28 25.49 -5.76 18.08
N VAL C 29 26.21 -4.97 17.28
CA VAL C 29 26.53 -3.61 17.66
C VAL C 29 25.64 -2.58 16.96
N GLY C 30 25.19 -2.87 15.75
CA GLY C 30 24.24 -1.98 15.12
C GLY C 30 23.51 -2.73 14.03
N ILE C 31 22.36 -2.19 13.66
CA ILE C 31 21.64 -2.61 12.48
C ILE C 31 21.56 -1.42 11.55
N SER C 32 22.00 -1.57 10.32
CA SER C 32 21.85 -0.53 9.32
C SER C 32 20.85 -1.01 8.28
N CYS C 33 20.04 -0.08 7.77
CA CYS C 33 18.86 -0.48 7.01
C CYS C 33 19.01 0.04 5.58
N ILE C 34 18.62 -0.75 4.58
CA ILE C 34 18.71 -0.35 3.18
C ILE C 34 17.37 -0.63 2.51
N GLY C 35 17.05 0.15 1.48
CA GLY C 35 15.89 -0.11 0.66
C GLY C 35 16.14 -1.21 -0.34
N GLY C 36 15.68 -2.41 -0.03
CA GLY C 36 15.90 -3.55 -0.90
C GLY C 36 14.63 -4.34 -1.18
N ASN C 37 14.26 -5.24 -0.26
CA ASN C 37 12.97 -5.94 -0.35
C ASN C 37 11.78 -4.97 -0.17
N ALA C 38 11.84 -4.05 0.79
CA ALA C 38 10.80 -3.03 0.93
C ALA C 38 11.43 -1.64 1.01
N SER C 39 10.62 -0.60 0.90
CA SER C 39 11.13 0.76 1.10
C SER C 39 11.71 0.90 2.49
N LEU C 40 12.61 1.86 2.65
CA LEU C 40 13.45 1.89 3.85
C LEU C 40 12.64 1.88 5.14
N GLN C 41 11.56 2.66 5.18
CA GLN C 41 10.84 2.85 6.44
C GLN C 41 10.21 1.54 6.91
N ASN C 42 9.61 0.77 5.99
CA ASN C 42 9.14 -0.57 6.30
C ASN C 42 10.26 -1.42 6.92
N VAL C 43 11.50 -1.20 6.47
CA VAL C 43 12.66 -1.95 6.94
C VAL C 43 12.99 -1.58 8.38
N ILE C 44 12.96 -0.29 8.70
CA ILE C 44 13.11 0.15 10.10
C ILE C 44 12.02 -0.47 10.99
N ARG C 45 10.77 -0.42 10.54
CA ARG C 45 9.68 -1.03 11.30
C ARG C 45 9.92 -2.51 11.56
N ASN C 46 10.37 -3.26 10.57
CA ASN C 46 10.47 -4.69 10.78
C ASN C 46 11.73 -5.03 11.59
N VAL C 47 12.74 -4.18 11.56
CA VAL C 47 13.86 -4.43 12.48
C VAL C 47 13.41 -4.17 13.91
N ASN C 48 12.63 -3.10 14.12
CA ASN C 48 12.05 -2.84 15.44
C ASN C 48 11.16 -4.01 15.87
N ARG C 49 10.36 -4.54 14.94
CA ARG C 49 9.49 -5.69 15.25
C ARG C 49 10.31 -6.90 15.66
N THR C 50 11.34 -7.23 14.88
CA THR C 50 12.16 -8.41 15.20
C THR C 50 12.81 -8.25 16.57
N LEU C 51 13.41 -7.09 16.82
CA LEU C 51 14.04 -6.88 18.11
C LEU C 51 13.03 -6.97 19.24
N LYS C 52 11.82 -6.44 19.01
CA LYS C 52 10.79 -6.47 20.05
C LYS C 52 10.36 -7.91 20.33
N VAL C 53 9.98 -8.66 19.29
CA VAL C 53 9.59 -10.04 19.54
C VAL C 53 10.73 -10.80 20.19
N TRP C 54 11.97 -10.41 19.94
CA TRP C 54 13.03 -11.04 20.70
C TRP C 54 13.18 -10.38 22.07
N GLY C 55 12.92 -9.08 22.17
CA GLY C 55 12.77 -8.43 23.45
C GLY C 55 13.91 -7.60 24.01
N LYS C 56 14.74 -7.04 23.13
CA LYS C 56 15.87 -6.21 23.52
C LYS C 56 16.24 -5.30 22.36
N THR C 57 15.60 -4.15 22.27
CA THR C 57 15.84 -3.20 21.19
C THR C 57 16.85 -2.11 21.58
N ASP C 58 17.75 -2.43 22.50
CA ASP C 58 18.76 -1.48 22.94
C ASP C 58 19.94 -1.49 21.97
N ILE C 59 19.68 -1.92 20.74
CA ILE C 59 20.72 -2.00 19.71
C ILE C 59 20.33 -1.02 18.61
N PRO C 60 21.09 0.07 18.42
CA PRO C 60 20.61 1.18 17.60
C PRO C 60 20.42 0.79 16.14
N ILE C 61 19.32 1.27 15.57
CA ILE C 61 18.89 0.95 14.21
C ILE C 61 19.04 2.21 13.37
N PHE C 62 19.97 2.17 12.41
CA PHE C 62 20.40 3.29 11.60
C PHE C 62 19.80 3.18 10.21
N GLY C 63 19.47 4.34 9.62
CA GLY C 63 18.91 4.38 8.30
C GLY C 63 19.98 4.58 7.23
N GLY C 64 19.92 3.73 6.22
CA GLY C 64 20.64 3.91 4.98
C GLY C 64 19.77 4.54 3.92
N CYS C 65 19.90 4.04 2.68
CA CYS C 65 19.40 4.74 1.49
C CYS C 65 18.25 3.95 0.87
N GLN C 66 17.44 4.64 0.05
CA GLN C 66 16.19 4.12 -0.48
C GLN C 66 16.25 3.78 -1.98
N ALA C 67 17.46 3.61 -2.52
CA ALA C 67 17.65 3.30 -3.93
C ALA C 67 19.01 2.69 -4.11
N PRO C 68 19.22 1.93 -5.18
CA PRO C 68 20.58 1.57 -5.61
C PRO C 68 21.40 2.79 -5.99
N LEU C 69 22.71 2.53 -6.14
CA LEU C 69 23.69 3.60 -6.38
C LEU C 69 23.42 4.36 -7.66
N VAL C 70 23.20 3.65 -8.76
CA VAL C 70 22.98 4.34 -10.02
C VAL C 70 21.76 3.74 -10.73
N GLN C 71 21.50 2.44 -10.51
CA GLN C 71 20.37 1.78 -11.12
C GLN C 71 19.07 2.55 -10.79
N PRO C 72 18.22 2.71 -11.78
CA PRO C 72 16.94 3.39 -11.69
C PRO C 72 16.14 2.68 -10.65
N LYS C 73 15.69 3.36 -9.60
CA LYS C 73 14.90 2.70 -8.58
C LYS C 73 13.69 2.26 -9.31
N MET C 74 13.61 0.97 -9.53
CA MET C 74 12.48 0.45 -10.25
C MET C 74 12.03 -0.83 -9.62
N GLU C 75 11.01 -1.45 -10.23
CA GLU C 75 10.62 -2.81 -9.86
C GLU C 75 10.23 -2.95 -8.39
N ILE C 76 9.12 -2.34 -8.01
CA ILE C 76 8.62 -2.39 -6.64
C ILE C 76 8.52 -3.82 -6.14
N PRO C 77 9.27 -4.14 -5.07
CA PRO C 77 9.29 -5.49 -4.49
C PRO C 77 8.20 -5.79 -3.46
N HIS C 78 7.18 -6.53 -3.87
CA HIS C 78 6.11 -6.94 -2.97
C HIS C 78 6.12 -8.45 -2.77
N ILE C 79 7.25 -9.09 -3.09
CA ILE C 79 7.50 -10.49 -2.76
C ILE C 79 7.27 -10.72 -1.28
N HIS C 80 7.88 -9.88 -0.43
CA HIS C 80 7.86 -9.99 1.03
C HIS C 80 6.64 -9.32 1.65
N GLY C 81 5.56 -9.20 0.91
CA GLY C 81 4.43 -8.43 1.34
C GLY C 81 4.67 -6.95 1.31
N GLY C 82 3.60 -6.23 1.66
CA GLY C 82 3.66 -4.78 1.63
C GLY C 82 4.56 -4.17 2.71
N ASP C 83 4.58 -4.77 3.90
CA ASP C 83 5.41 -4.28 4.99
C ASP C 83 6.78 -4.93 5.03
N GLY C 84 7.14 -5.71 4.01
CA GLY C 84 8.40 -6.41 3.96
C GLY C 84 8.51 -7.63 4.83
N LEU C 85 7.56 -7.86 5.75
CA LEU C 85 7.69 -8.90 6.78
C LEU C 85 6.49 -9.86 6.79
N GLY C 86 5.95 -10.13 5.60
CA GLY C 86 4.90 -11.13 5.40
C GLY C 86 3.50 -10.69 5.77
N ASP C 87 3.29 -9.40 6.03
CA ASP C 87 1.98 -8.84 6.38
C ASP C 87 1.44 -9.44 7.68
N ILE C 88 2.16 -9.13 8.74
CA ILE C 88 1.83 -9.63 10.06
C ILE C 88 1.04 -8.57 10.80
N ASN C 89 -0.10 -8.96 11.35
CA ASN C 89 -0.91 -8.09 12.18
C ASN C 89 -0.14 -7.78 13.46
N ASP C 90 0.12 -6.48 13.70
CA ASP C 90 0.91 -6.05 14.86
C ASP C 90 0.18 -6.34 16.17
N ASN C 91 -1.16 -6.37 16.15
CA ASN C 91 -1.94 -6.71 17.33
C ASN C 91 -1.65 -8.12 17.82
N ASP C 92 -1.25 -9.02 16.90
CA ASP C 92 -0.82 -10.37 17.26
C ASP C 92 0.49 -10.39 18.04
N PHE C 93 1.28 -9.31 17.96
CA PHE C 93 2.57 -9.27 18.61
C PHE C 93 2.69 -8.08 19.56
N GLY C 94 1.68 -7.23 19.62
CA GLY C 94 1.73 -6.10 20.53
C GLY C 94 2.87 -5.16 20.20
N THR C 95 3.23 -5.15 18.93
CA THR C 95 4.33 -4.36 18.50
C THR C 95 3.97 -3.14 17.73
N ASN C 96 2.82 -2.57 18.01
CA ASN C 96 2.39 -1.33 17.37
C ASN C 96 2.65 -0.20 18.36
N THR C 97 3.89 -0.13 18.79
CA THR C 97 4.47 0.86 19.64
C THR C 97 5.43 1.63 18.70
N PRO C 98 5.93 2.78 19.10
CA PRO C 98 6.75 3.61 18.22
C PRO C 98 8.11 2.98 17.94
N ASN C 99 8.79 3.53 16.93
CA ASN C 99 9.99 2.93 16.38
C ASN C 99 11.23 3.52 17.03
N LYS C 100 12.27 2.70 17.16
CA LYS C 100 13.59 3.17 17.54
C LYS C 100 14.40 3.37 16.27
N LEU C 101 14.98 4.56 16.13
CA LEU C 101 15.80 4.90 14.96
C LEU C 101 16.78 5.99 15.36
N GLU C 102 18.05 5.81 15.04
CA GLU C 102 19.04 6.79 15.46
C GLU C 102 19.18 7.90 14.41
N LYS C 103 19.83 8.99 14.82
CA LYS C 103 19.81 10.21 14.00
C LYS C 103 20.94 10.20 12.96
N GLU C 104 22.01 9.48 13.22
CA GLU C 104 23.11 9.36 12.29
C GLU C 104 22.69 8.52 11.08
N HIS C 105 23.30 8.81 9.95
CA HIS C 105 23.18 7.95 8.79
C HIS C 105 23.91 6.64 9.05
N ALA C 106 23.33 5.55 8.55
CA ALA C 106 23.95 4.24 8.72
C ALA C 106 25.37 4.20 8.16
N VAL C 107 25.68 5.03 7.14
CA VAL C 107 27.03 5.00 6.57
C VAL C 107 28.00 5.63 7.55
N ASN C 108 27.63 6.79 8.06
CA ASN C 108 28.55 7.46 8.96
C ASN C 108 28.72 6.66 10.24
N ALA C 109 27.61 6.11 10.76
CA ALA C 109 27.67 5.29 11.97
C ALA C 109 28.48 4.02 11.73
N LEU C 110 28.29 3.40 10.57
CA LEU C 110 29.19 2.35 10.09
C LEU C 110 30.66 2.76 10.24
N ILE C 111 31.00 3.98 9.78
CA ILE C 111 32.36 4.50 9.76
C ILE C 111 32.89 4.79 11.16
N HIS C 112 32.11 5.48 12.00
CA HIS C 112 32.41 5.60 13.42
C HIS C 112 32.60 4.22 14.08
N ALA C 113 31.78 3.24 13.69
CA ALA C 113 31.86 1.89 14.23
C ALA C 113 33.24 1.32 13.99
N ALA C 114 33.56 1.07 12.71
CA ALA C 114 34.86 0.51 12.35
C ALA C 114 36.03 1.37 12.81
N ASN C 115 35.81 2.68 13.04
CA ASN C 115 36.81 3.58 13.60
C ASN C 115 36.95 3.46 15.10
N THR C 116 36.00 2.83 15.79
CA THR C 116 36.17 2.68 17.23
C THR C 116 35.93 1.26 17.74
N ILE C 117 35.28 0.36 17.00
CA ILE C 117 34.87 -0.94 17.55
C ILE C 117 35.85 -1.99 17.05
N GLU C 118 36.57 -2.62 17.99
CA GLU C 118 37.72 -3.43 17.59
C GLU C 118 37.30 -4.87 17.34
N ASP C 119 38.03 -5.50 16.40
CA ASP C 119 37.73 -6.82 15.83
C ASP C 119 36.27 -6.94 15.39
N LEU C 120 35.71 -5.84 14.89
CA LEU C 120 34.33 -5.80 14.45
C LEU C 120 34.17 -6.57 13.15
N ASN C 121 33.15 -7.43 13.11
CA ASN C 121 32.77 -8.19 11.94
C ASN C 121 31.53 -7.56 11.31
N ILE C 122 31.28 -7.87 10.03
CA ILE C 122 30.13 -7.33 9.31
C ILE C 122 29.29 -8.46 8.71
N LEU C 123 27.95 -8.36 8.86
CA LEU C 123 27.01 -9.27 8.21
C LEU C 123 26.08 -8.45 7.31
N CYS C 124 26.17 -8.68 6.01
CA CYS C 124 25.48 -7.90 5.00
C CYS C 124 24.40 -8.77 4.38
N LEU C 125 23.16 -8.55 4.76
CA LEU C 125 22.06 -9.38 4.28
C LEU C 125 21.22 -8.70 3.21
N ALA C 126 21.81 -7.79 2.46
CA ALA C 126 21.03 -6.90 1.61
C ALA C 126 21.94 -6.37 0.49
N PRO C 127 21.34 -5.74 -0.54
CA PRO C 127 22.11 -4.84 -1.40
C PRO C 127 23.12 -4.00 -0.62
N LEU C 128 24.28 -3.81 -1.24
CA LEU C 128 25.42 -3.25 -0.53
C LEU C 128 25.57 -1.76 -0.78
N THR C 129 24.48 -1.04 -1.09
CA THR C 129 24.56 0.40 -1.32
C THR C 129 25.21 1.11 -0.13
N ASN C 130 24.76 0.81 1.10
CA ASN C 130 25.34 1.46 2.26
C ASN C 130 26.82 1.16 2.37
N ILE C 131 27.16 -0.13 2.32
CA ILE C 131 28.52 -0.58 2.62
C ILE C 131 29.52 0.02 1.63
N ALA C 132 29.18 0.00 0.34
CA ALA C 132 30.03 0.57 -0.70
C ALA C 132 30.19 2.08 -0.57
N ILE C 133 29.12 2.80 -0.24
CA ILE C 133 29.29 4.25 -0.10
C ILE C 133 30.20 4.57 1.07
N ALA C 134 30.11 3.80 2.16
CA ALA C 134 31.13 3.96 3.18
C ALA C 134 32.51 3.60 2.64
N LEU C 135 32.60 2.63 1.73
CA LEU C 135 33.91 2.28 1.20
C LEU C 135 34.55 3.44 0.47
N SER C 136 33.75 4.24 -0.27
CA SER C 136 34.28 5.40 -0.99
C SER C 136 34.62 6.56 -0.07
N MET C 137 33.75 6.87 0.89
CA MET C 137 33.99 8.00 1.78
C MET C 137 35.21 7.78 2.68
N ALA C 138 35.31 6.61 3.32
CA ALA C 138 36.31 6.36 4.35
C ALA C 138 36.75 4.91 4.32
N PRO C 139 37.53 4.52 3.32
CA PRO C 139 38.08 3.16 3.32
C PRO C 139 39.05 2.90 4.45
N GLU C 140 39.94 3.86 4.71
CA GLU C 140 40.92 3.72 5.78
C GLU C 140 40.26 3.30 7.10
N ALA C 141 38.96 3.54 7.28
CA ALA C 141 38.28 3.09 8.49
C ALA C 141 37.65 1.70 8.31
N ILE C 142 36.86 1.54 7.26
CA ILE C 142 36.14 0.30 7.02
C ILE C 142 37.09 -0.89 6.90
N LEU C 143 38.33 -0.69 6.39
CA LEU C 143 39.26 -1.81 6.25
C LEU C 143 39.77 -2.32 7.60
N LYS C 144 39.64 -1.54 8.67
CA LYS C 144 39.84 -2.04 10.03
C LYS C 144 38.94 -3.23 10.33
N ILE C 145 37.82 -3.35 9.59
CA ILE C 145 36.93 -4.49 9.79
C ILE C 145 37.70 -5.76 9.53
N LYS C 146 37.53 -6.75 10.44
CA LYS C 146 38.32 -7.98 10.35
C LYS C 146 37.70 -9.04 9.46
N HIS C 147 36.40 -8.97 9.19
CA HIS C 147 35.79 -9.91 8.25
C HIS C 147 34.47 -9.37 7.72
N PHE C 148 34.16 -9.79 6.50
CA PHE C 148 32.89 -9.52 5.85
C PHE C 148 32.17 -10.83 5.59
N TYR C 149 30.93 -10.93 6.05
CA TYR C 149 30.04 -12.04 5.72
C TYR C 149 28.88 -11.47 4.93
N ILE C 150 28.81 -11.79 3.64
CA ILE C 150 27.84 -11.18 2.74
C ILE C 150 26.94 -12.26 2.17
N MET C 151 25.65 -11.96 2.08
CA MET C 151 24.73 -12.76 1.30
C MET C 151 24.55 -12.10 -0.05
N GLY C 152 24.58 -12.92 -1.11
CA GLY C 152 24.40 -12.41 -2.45
C GLY C 152 25.26 -13.15 -3.44
N GLY C 153 25.03 -12.92 -4.72
CA GLY C 153 25.79 -13.68 -5.68
C GLY C 153 25.11 -14.97 -6.04
N ALA C 154 25.21 -15.34 -7.31
CA ALA C 154 24.71 -16.63 -7.77
C ALA C 154 25.72 -17.14 -8.78
N GLU C 155 26.74 -17.83 -8.29
CA GLU C 155 27.76 -18.35 -9.16
C GLU C 155 27.14 -19.41 -10.09
N ASN C 156 26.90 -19.00 -11.34
CA ASN C 156 26.39 -19.86 -12.40
C ASN C 156 27.46 -20.87 -12.82
N GLY C 157 27.36 -22.08 -12.28
CA GLY C 157 28.30 -23.14 -12.60
C GLY C 157 27.87 -24.48 -12.02
N GLY C 159 25.85 -27.19 -11.44
CA GLY C 159 24.43 -27.25 -11.10
C GLY C 159 23.58 -26.69 -12.22
N ASN C 160 22.27 -26.48 -11.96
CA ASN C 160 21.41 -25.80 -12.91
C ASN C 160 20.58 -24.66 -12.32
N ILE C 161 20.87 -24.23 -11.08
CA ILE C 161 20.22 -23.06 -10.50
C ILE C 161 20.44 -21.84 -11.39
N THR C 162 19.38 -21.05 -11.60
CA THR C 162 19.58 -19.88 -12.46
C THR C 162 20.01 -18.69 -11.63
N PRO C 163 20.97 -17.89 -12.12
CA PRO C 163 21.40 -16.72 -11.36
C PRO C 163 20.39 -15.58 -11.34
N TYR C 164 19.26 -15.74 -12.04
CA TYR C 164 18.19 -14.74 -12.04
C TYR C 164 17.32 -14.79 -10.79
N GLY C 165 17.50 -15.79 -9.92
CA GLY C 165 16.86 -15.71 -8.62
C GLY C 165 17.65 -14.90 -7.61
N GLU C 166 18.92 -14.69 -7.90
CA GLU C 166 19.77 -13.79 -7.12
C GLU C 166 19.18 -12.38 -7.15
N PHE C 167 19.33 -11.66 -6.05
CA PHE C 167 18.62 -10.40 -5.90
C PHE C 167 19.53 -9.34 -5.32
N ASN C 168 20.28 -9.71 -4.28
CA ASN C 168 21.04 -8.73 -3.53
C ASN C 168 21.97 -7.95 -4.45
N TRP C 169 22.71 -8.67 -5.30
CA TRP C 169 23.72 -8.09 -6.14
C TRP C 169 23.14 -7.45 -7.39
N ARG C 170 22.15 -8.07 -8.01
CA ARG C 170 21.52 -7.44 -9.17
C ARG C 170 20.75 -6.17 -8.79
N ALA C 171 20.22 -6.10 -7.57
CA ALA C 171 19.52 -4.90 -7.14
C ALA C 171 20.43 -3.67 -7.20
N ASP C 172 21.65 -3.76 -6.66
CA ASP C 172 22.66 -2.72 -6.88
C ASP C 172 24.01 -3.36 -7.19
N PRO C 173 24.27 -3.63 -8.47
CA PRO C 173 25.49 -4.37 -8.87
C PRO C 173 26.78 -3.55 -8.79
N GLU C 174 26.68 -2.25 -9.08
CA GLU C 174 27.74 -1.30 -8.78
C GLU C 174 28.17 -1.34 -7.31
N ALA C 175 27.21 -1.41 -6.38
CA ALA C 175 27.52 -1.60 -4.97
C ALA C 175 28.43 -2.80 -4.75
N ALA C 176 28.02 -3.95 -5.30
CA ALA C 176 28.84 -5.15 -5.17
C ALA C 176 30.22 -4.94 -5.75
N GLN C 177 30.31 -4.29 -6.92
CA GLN C 177 31.64 -4.12 -7.49
C GLN C 177 32.52 -3.29 -6.57
N ILE C 178 32.01 -2.16 -6.07
CA ILE C 178 32.77 -1.35 -5.11
C ILE C 178 33.36 -2.23 -4.03
N VAL C 179 32.52 -3.07 -3.43
CA VAL C 179 33.01 -3.90 -2.33
C VAL C 179 34.08 -4.86 -2.82
N LEU C 180 33.78 -5.64 -3.86
CA LEU C 180 34.69 -6.72 -4.22
C LEU C 180 35.98 -6.25 -4.84
N GLN C 181 36.04 -4.97 -5.23
CA GLN C 181 37.25 -4.30 -5.66
C GLN C 181 37.72 -3.30 -4.60
N THR C 182 37.23 -3.42 -3.37
CA THR C 182 37.88 -2.64 -2.32
C THR C 182 38.27 -3.51 -1.15
N TYR C 183 37.29 -4.12 -0.51
CA TYR C 183 37.58 -4.90 0.68
C TYR C 183 38.23 -6.22 0.29
N PRO C 184 39.18 -6.75 1.13
CA PRO C 184 39.87 -8.03 0.83
C PRO C 184 38.99 -9.20 0.44
N GLN C 185 39.13 -9.74 -0.76
CA GLN C 185 38.42 -10.99 -1.02
C GLN C 185 38.89 -12.09 -0.08
N TYR C 186 40.13 -12.03 0.42
CA TYR C 186 40.58 -13.09 1.31
C TYR C 186 39.81 -13.09 2.64
N GLN C 187 39.52 -11.91 3.21
CA GLN C 187 38.82 -11.80 4.50
C GLN C 187 37.29 -11.67 4.36
N THR C 188 36.70 -12.50 3.48
CA THR C 188 35.30 -12.42 3.07
C THR C 188 34.70 -13.80 2.81
N THR C 189 33.60 -14.13 3.51
CA THR C 189 32.84 -15.34 3.27
C THR C 189 31.49 -14.96 2.64
N ILE C 190 30.97 -15.86 1.80
CA ILE C 190 29.87 -15.53 0.88
C ILE C 190 28.94 -16.72 0.82
N ALA C 191 27.70 -16.53 1.25
CA ALA C 191 26.60 -17.45 1.03
C ALA C 191 25.81 -17.00 -0.20
N SER C 192 25.74 -17.84 -1.21
CA SER C 192 25.17 -17.41 -2.48
C SER C 192 23.67 -17.74 -2.52
N TRP C 193 23.00 -17.30 -3.57
CA TRP C 193 21.61 -17.68 -3.70
C TRP C 193 21.49 -19.11 -4.13
N THR C 194 22.44 -19.56 -4.92
CA THR C 194 22.48 -20.98 -5.27
C THR C 194 22.78 -21.84 -4.03
N LEU C 195 23.67 -21.39 -3.16
CA LEU C 195 23.87 -22.04 -1.86
C LEU C 195 22.55 -22.14 -1.10
N ALA C 196 21.74 -21.09 -1.14
CA ALA C 196 20.51 -21.04 -0.36
C ALA C 196 19.44 -21.93 -0.94
N VAL C 197 19.42 -22.12 -2.26
CA VAL C 197 18.44 -23.04 -2.82
C VAL C 197 18.89 -24.47 -2.61
N PHE C 198 20.16 -24.78 -2.88
CA PHE C 198 20.70 -26.11 -2.64
C PHE C 198 20.43 -26.60 -1.22
N ASN C 199 20.29 -25.69 -0.26
CA ASN C 199 19.92 -26.06 1.11
C ASN C 199 18.49 -25.66 1.43
N SER C 200 17.58 -25.90 0.48
CA SER C 200 16.16 -25.72 0.68
C SER C 200 15.51 -26.98 1.21
N PHE C 201 14.56 -26.78 2.11
CA PHE C 201 13.82 -27.86 2.67
C PHE C 201 12.47 -27.89 1.99
N ASN C 202 11.84 -29.02 2.08
CA ASN C 202 10.59 -29.24 1.41
C ASN C 202 9.36 -28.82 2.09
N ALA C 203 9.43 -27.98 3.11
CA ALA C 203 8.24 -27.52 3.84
C ALA C 203 7.30 -28.62 4.36
N ASN C 204 6.51 -29.24 3.50
CA ASN C 204 5.66 -30.35 3.84
C ASN C 204 6.41 -31.37 4.66
N ASP C 205 7.65 -31.67 4.31
CA ASP C 205 8.38 -32.59 5.16
C ASP C 205 9.09 -32.04 6.42
N TYR C 206 9.42 -30.76 6.48
CA TYR C 206 10.18 -30.22 7.60
C TYR C 206 9.32 -29.20 8.34
N ASP C 207 9.48 -29.16 9.66
CA ASP C 207 8.52 -28.55 10.57
C ASP C 207 9.08 -27.39 11.37
N PHE C 208 10.38 -27.07 11.24
CA PHE C 208 11.03 -26.15 12.15
C PHE C 208 10.53 -24.72 12.00
N PHE C 209 9.87 -24.42 10.88
CA PHE C 209 9.33 -23.09 10.65
C PHE C 209 7.83 -23.05 10.90
N ASN C 210 7.38 -23.80 11.91
CA ASN C 210 5.97 -23.85 12.25
C ASN C 210 5.72 -24.33 13.68
N LEU C 211 5.50 -23.38 14.58
CA LEU C 211 5.24 -23.67 15.99
C LEU C 211 4.62 -22.45 16.65
N ASP C 212 3.85 -22.65 17.71
CA ASP C 212 3.20 -21.49 18.41
C ASP C 212 3.26 -21.63 19.93
N GLY C 213 4.42 -22.04 20.43
CA GLY C 213 4.62 -22.05 21.87
C GLY C 213 4.99 -20.72 22.47
N ASN C 214 5.29 -19.72 21.64
CA ASN C 214 5.71 -18.43 22.19
C ASN C 214 5.57 -17.37 21.08
N LEU C 215 6.26 -16.23 21.27
CA LEU C 215 6.04 -15.11 20.37
C LEU C 215 7.01 -15.13 19.20
N VAL C 216 8.19 -15.75 19.41
CA VAL C 216 9.14 -15.89 18.30
C VAL C 216 8.78 -17.08 17.43
N ARG C 217 8.28 -18.18 18.01
CA ARG C 217 7.73 -19.24 17.17
C ARG C 217 6.64 -18.68 16.26
N ARG C 218 5.77 -17.86 16.83
CA ARG C 218 4.68 -17.27 16.06
C ARG C 218 5.23 -16.37 14.96
N PHE C 219 6.18 -15.52 15.34
CA PHE C 219 6.83 -14.61 14.41
C PHE C 219 7.45 -15.34 13.22
N ILE C 220 8.25 -16.38 13.49
CA ILE C 220 8.89 -17.15 12.42
C ILE C 220 7.86 -17.76 11.49
N ARG C 221 6.96 -18.60 12.03
CA ARG C 221 5.99 -19.31 11.19
C ARG C 221 5.17 -18.35 10.35
N GLU C 222 4.54 -17.36 11.01
CA GLU C 222 3.66 -16.42 10.35
C GLU C 222 4.39 -15.45 9.42
N THR C 223 5.71 -15.28 9.52
CA THR C 223 6.40 -14.50 8.48
C THR C 223 6.86 -15.35 7.32
N TRP C 224 7.16 -16.62 7.54
CA TRP C 224 7.70 -17.42 6.45
C TRP C 224 6.63 -18.00 5.55
N LYS C 225 5.40 -18.11 6.05
CA LYS C 225 4.29 -18.51 5.17
C LYS C 225 4.34 -17.86 3.79
N PRO C 226 4.35 -16.52 3.65
CA PRO C 226 4.32 -15.92 2.30
C PRO C 226 5.51 -16.26 1.43
N ILE C 227 6.70 -16.33 2.03
CA ILE C 227 7.89 -16.62 1.25
C ILE C 227 7.91 -18.08 0.83
N ILE C 228 7.45 -18.98 1.69
CA ILE C 228 7.35 -20.36 1.28
C ILE C 228 6.37 -20.50 0.10
N ALA C 229 5.14 -19.97 0.26
CA ALA C 229 4.16 -20.13 -0.81
C ALA C 229 4.65 -19.48 -2.09
N PHE C 230 5.28 -18.31 -1.97
CA PHE C 230 5.91 -17.65 -3.10
C PHE C 230 7.06 -18.44 -3.69
N ASP C 231 7.87 -19.11 -2.86
CA ASP C 231 9.03 -19.89 -3.26
C ASP C 231 8.65 -21.30 -3.68
N GLY C 232 7.36 -21.56 -3.83
CA GLY C 232 6.94 -22.83 -4.36
C GLY C 232 6.89 -23.90 -3.30
N GLY C 233 6.52 -23.52 -2.09
CA GLY C 233 6.51 -24.46 -1.00
C GLY C 233 7.88 -24.89 -0.52
N ARG C 234 8.92 -24.04 -0.69
CA ARG C 234 10.27 -24.37 -0.23
C ARG C 234 10.85 -23.26 0.65
N ILE C 235 11.60 -23.71 1.68
CA ILE C 235 12.32 -22.86 2.62
C ILE C 235 13.75 -22.69 2.11
N CYS C 236 14.08 -21.52 1.56
CA CYS C 236 15.42 -21.17 1.07
C CYS C 236 16.08 -20.17 2.00
N PRO C 237 16.74 -20.67 3.07
CA PRO C 237 17.42 -19.82 4.05
C PRO C 237 18.55 -19.01 3.43
N ALA C 238 18.21 -17.96 2.69
CA ALA C 238 19.20 -17.11 2.05
C ALA C 238 19.95 -16.29 3.10
N ASP C 239 19.20 -15.51 3.88
CA ASP C 239 19.80 -14.69 4.92
C ASP C 239 20.31 -15.55 6.06
N PRO C 240 19.40 -16.30 6.70
CA PRO C 240 19.75 -17.21 7.83
C PRO C 240 21.00 -18.04 7.63
N LEU C 241 21.23 -18.58 6.43
CA LEU C 241 22.45 -19.34 6.20
C LEU C 241 23.69 -18.48 6.40
N ALA C 242 23.69 -17.27 5.83
CA ALA C 242 24.80 -16.36 6.08
C ALA C 242 25.01 -16.15 7.57
N ALA C 243 23.94 -15.92 8.32
CA ALA C 243 24.16 -15.66 9.75
C ALA C 243 24.65 -16.92 10.43
N PHE C 244 24.21 -18.08 9.97
CA PHE C 244 24.70 -19.35 10.48
C PHE C 244 26.20 -19.41 10.35
N ILE C 245 26.69 -19.18 9.13
CA ILE C 245 28.12 -19.23 8.85
C ILE C 245 28.85 -18.15 9.64
N ALA C 246 28.32 -16.93 9.65
CA ALA C 246 28.99 -15.82 10.31
C ALA C 246 29.14 -16.04 11.81
N VAL C 247 28.16 -16.73 12.42
CA VAL C 247 28.15 -16.97 13.86
C VAL C 247 28.96 -18.20 14.23
N TYR C 248 28.83 -19.27 13.46
CA TYR C 248 29.38 -20.57 13.83
C TYR C 248 30.64 -20.96 13.04
N GLY C 249 31.24 -20.03 12.29
CA GLY C 249 32.54 -20.24 11.68
C GLY C 249 32.60 -21.44 10.76
N ASP C 250 33.77 -22.10 10.76
CA ASP C 250 33.94 -23.26 9.89
C ASP C 250 33.14 -24.45 10.39
N ARG C 251 32.66 -24.41 11.65
CA ARG C 251 31.81 -25.46 12.19
C ARG C 251 30.50 -25.57 11.43
N ALA C 252 30.17 -24.53 10.66
CA ALA C 252 28.96 -24.46 9.85
C ALA C 252 29.21 -24.85 8.39
N ILE C 253 30.47 -25.00 7.99
CA ILE C 253 30.86 -25.21 6.60
C ILE C 253 31.28 -26.66 6.43
N LYS C 254 30.67 -27.35 5.46
CA LYS C 254 31.18 -28.63 4.95
C LYS C 254 32.13 -28.39 3.77
N ARG C 255 31.70 -27.57 2.81
CA ARG C 255 32.38 -27.37 1.54
C ARG C 255 32.47 -25.88 1.24
N ALA C 256 33.58 -25.44 0.65
CA ALA C 256 33.73 -24.04 0.27
C ALA C 256 34.91 -23.92 -0.69
N GLU C 257 34.76 -23.08 -1.74
CA GLU C 257 35.83 -22.77 -2.69
C GLU C 257 36.39 -21.39 -2.37
N ARG C 258 37.58 -21.11 -2.88
CA ARG C 258 38.19 -19.77 -2.80
C ARG C 258 38.17 -19.18 -4.20
N LEU C 259 37.27 -18.24 -4.45
CA LEU C 259 37.04 -17.68 -5.78
C LEU C 259 37.15 -16.16 -5.79
N HIS C 260 38.01 -15.64 -6.67
CA HIS C 260 38.06 -14.23 -6.97
C HIS C 260 36.78 -13.82 -7.69
N LEU C 261 36.22 -12.66 -7.32
CA LEU C 261 34.91 -12.30 -7.83
C LEU C 261 34.87 -10.86 -8.32
N SER C 262 34.15 -10.68 -9.43
CA SER C 262 33.96 -9.38 -10.07
C SER C 262 32.51 -9.29 -10.53
N MET C 263 32.02 -8.06 -10.74
CA MET C 263 30.66 -7.81 -11.19
C MET C 263 30.64 -7.41 -12.67
N VAL C 264 29.88 -8.16 -13.49
CA VAL C 264 29.46 -7.64 -14.78
C VAL C 264 28.69 -6.35 -14.55
N LEU C 265 28.93 -5.34 -15.38
CA LEU C 265 28.18 -4.12 -15.20
C LEU C 265 27.67 -3.56 -16.51
N GLU C 266 27.56 -4.39 -17.51
CA GLU C 266 27.17 -3.96 -18.85
C GLU C 266 26.45 -5.09 -19.54
N GLY C 267 25.94 -4.79 -20.73
CA GLY C 267 25.64 -5.81 -21.70
C GLY C 267 24.34 -6.56 -21.52
N GLU C 268 24.43 -7.86 -21.30
CA GLU C 268 23.22 -8.67 -21.14
C GLU C 268 22.94 -9.05 -19.70
N LYS C 269 23.95 -9.60 -19.04
CA LYS C 269 23.78 -10.02 -17.65
C LYS C 269 24.48 -9.10 -16.65
N LEU C 270 23.96 -7.89 -16.49
CA LEU C 270 24.53 -6.96 -15.54
C LEU C 270 24.82 -7.49 -14.15
N GLY C 271 23.81 -7.92 -13.42
CA GLY C 271 24.07 -8.42 -12.08
C GLY C 271 24.50 -9.85 -11.95
N MET C 272 25.54 -10.20 -12.67
CA MET C 272 26.04 -11.56 -12.62
C MET C 272 27.45 -11.57 -12.03
N SER C 273 27.94 -12.77 -11.69
CA SER C 273 29.13 -12.96 -10.87
C SER C 273 30.25 -13.57 -11.74
N LEU C 274 31.28 -12.79 -12.10
CA LEU C 274 32.50 -13.39 -12.65
C LEU C 274 33.32 -13.98 -11.51
N ALA C 275 33.59 -15.28 -11.60
CA ALA C 275 34.22 -16.04 -10.52
C ALA C 275 35.37 -16.88 -11.06
N GLU C 276 36.51 -16.87 -10.33
CA GLU C 276 37.76 -17.61 -10.73
C GLU C 276 38.49 -18.23 -9.55
N PRO C 277 38.87 -19.51 -9.61
CA PRO C 277 39.70 -20.07 -8.52
C PRO C 277 40.97 -19.24 -8.26
N ASP C 278 41.18 -18.91 -6.98
CA ASP C 278 42.18 -17.93 -6.57
C ASP C 278 42.55 -18.18 -5.11
N GLU C 279 43.85 -18.36 -4.85
CA GLU C 279 44.32 -18.58 -3.49
C GLU C 279 43.89 -17.45 -2.56
N LYS C 280 43.94 -16.21 -3.05
CA LYS C 280 43.61 -15.00 -2.31
C LYS C 280 42.18 -14.51 -2.58
N GLY C 281 41.29 -15.40 -3.00
CA GLY C 281 39.93 -15.03 -3.32
C GLY C 281 38.99 -15.10 -2.13
N CYS C 282 37.72 -14.86 -2.45
CA CYS C 282 36.64 -15.02 -1.50
C CYS C 282 36.46 -16.47 -1.07
N LEU C 283 35.93 -16.63 0.14
CA LEU C 283 35.53 -17.95 0.61
C LEU C 283 34.05 -18.15 0.25
N VAL C 284 33.83 -18.49 -1.01
CA VAL C 284 32.46 -18.74 -1.47
C VAL C 284 32.05 -20.10 -0.95
N VAL C 285 31.03 -20.12 -0.11
CA VAL C 285 30.58 -21.36 0.51
C VAL C 285 29.78 -22.16 -0.52
N LYS C 286 30.03 -23.48 -0.57
CA LYS C 286 29.27 -24.36 -1.45
C LYS C 286 28.32 -25.30 -0.71
N GLU C 287 28.66 -25.73 0.50
CA GLU C 287 27.83 -26.61 1.29
C GLU C 287 28.09 -26.35 2.75
N CYS C 288 27.04 -26.46 3.55
CA CYS C 288 27.12 -26.30 5.00
C CYS C 288 26.66 -27.58 5.69
N ASP C 289 26.73 -27.59 7.02
CA ASP C 289 26.17 -28.68 7.81
C ASP C 289 24.65 -28.50 7.93
N ALA C 290 23.90 -29.32 7.18
CA ALA C 290 22.46 -29.12 7.15
C ALA C 290 21.81 -29.36 8.52
N GLU C 291 22.35 -30.31 9.31
CA GLU C 291 21.81 -30.61 10.63
C GLU C 291 21.99 -29.47 11.65
N LEU C 292 23.23 -29.09 11.97
CA LEU C 292 23.42 -28.12 13.04
C LEU C 292 22.71 -26.81 12.73
N PHE C 293 22.55 -26.49 11.44
CA PHE C 293 21.63 -25.44 11.05
C PHE C 293 20.28 -25.59 11.74
N VAL C 294 19.54 -26.64 11.37
CA VAL C 294 18.18 -26.80 11.86
C VAL C 294 18.16 -26.93 13.38
N LYS C 295 19.19 -27.54 13.95
CA LYS C 295 19.36 -27.51 15.40
C LYS C 295 19.33 -26.08 15.93
N ILE C 296 20.19 -25.19 15.41
CA ILE C 296 20.26 -23.82 15.93
C ILE C 296 18.95 -23.07 15.66
N LEU C 297 18.36 -23.30 14.49
CA LEU C 297 17.05 -22.71 14.20
C LEU C 297 16.02 -23.09 15.26
N ARG C 298 16.01 -24.36 15.67
CA ARG C 298 15.08 -24.80 16.70
C ARG C 298 15.46 -24.24 18.05
N GLU C 299 16.75 -24.26 18.39
CA GLU C 299 17.18 -23.84 19.71
C GLU C 299 16.84 -22.39 19.98
N LEU C 300 16.97 -21.52 18.97
CA LEU C 300 16.61 -20.13 19.21
C LEU C 300 15.12 -19.93 19.48
N GLN C 301 14.31 -20.98 19.53
CA GLN C 301 12.88 -20.86 19.78
C GLN C 301 12.48 -21.38 21.16
N ASP C 302 13.41 -21.34 22.11
CA ASP C 302 13.16 -21.75 23.48
C ASP C 302 13.05 -20.55 24.42
N MET D 1 -8.81 37.90 33.29
CA MET D 1 -8.73 36.48 32.98
C MET D 1 -7.72 35.75 33.90
N LYS D 2 -8.18 34.62 34.43
CA LYS D 2 -7.45 33.81 35.39
C LYS D 2 -7.18 32.44 34.78
N LEU D 3 -5.92 32.08 34.66
CA LEU D 3 -5.52 31.04 33.73
C LEU D 3 -4.62 30.01 34.39
N TRP D 4 -4.84 28.75 34.06
CA TRP D 4 -4.01 27.63 34.50
C TRP D 4 -3.18 27.15 33.32
N ILE D 5 -1.87 27.02 33.52
CA ILE D 5 -0.95 26.61 32.45
C ILE D 5 -0.50 25.18 32.69
N ASP D 6 -0.59 24.34 31.66
CA ASP D 6 -0.05 22.99 31.68
C ASP D 6 1.01 22.87 30.60
N THR D 7 2.26 22.56 30.99
CA THR D 7 3.38 22.78 30.07
C THR D 7 4.44 21.68 30.20
N ASP D 8 5.11 21.40 29.08
CA ASP D 8 6.16 20.43 28.98
C ASP D 8 7.35 21.21 28.58
N CYS D 9 7.71 22.17 29.40
CA CYS D 9 8.78 23.11 29.09
C CYS D 9 9.94 22.91 28.17
N GLY D 10 9.62 23.19 26.92
CA GLY D 10 10.55 23.30 25.83
C GLY D 10 10.78 24.80 25.67
N ILE D 11 11.25 25.21 24.54
CA ILE D 11 11.59 26.63 24.34
C ILE D 11 10.32 27.49 24.19
N ASP D 12 9.42 27.11 23.27
CA ASP D 12 8.26 27.95 23.00
C ASP D 12 7.25 27.94 24.15
N ASP D 13 7.05 26.81 24.83
CA ASP D 13 6.32 26.80 26.10
C ASP D 13 6.73 27.98 26.95
N ALA D 14 8.04 28.11 27.19
CA ALA D 14 8.54 29.17 28.04
C ALA D 14 8.14 30.53 27.51
N THR D 15 8.34 30.77 26.21
CA THR D 15 8.00 32.11 25.76
C THR D 15 6.48 32.35 25.80
N ALA D 16 5.66 31.31 25.65
CA ALA D 16 4.23 31.49 25.81
C ALA D 16 3.87 31.89 27.23
N ILE D 17 4.51 31.25 28.21
CA ILE D 17 4.42 31.69 29.60
C ILE D 17 4.72 33.18 29.69
N LEU D 18 5.81 33.60 29.05
CA LEU D 18 6.18 35.02 29.05
C LEU D 18 5.05 35.90 28.50
N ILE D 19 4.34 35.39 27.51
CA ILE D 19 3.17 36.08 26.97
C ILE D 19 2.10 36.24 28.04
N CYS D 20 1.68 35.12 28.66
CA CYS D 20 0.67 35.18 29.72
C CYS D 20 1.10 36.07 30.88
N LEU D 21 2.40 36.34 30.99
CA LEU D 21 2.90 37.20 32.05
C LEU D 21 3.03 38.66 31.64
N ALA D 22 3.23 38.96 30.35
CA ALA D 22 3.41 40.35 29.96
C ALA D 22 2.11 41.13 30.07
N ASN D 23 0.98 40.45 30.25
CA ASN D 23 -0.29 41.12 30.28
C ASN D 23 -0.70 41.35 31.71
N PRO D 24 -0.84 42.60 32.15
CA PRO D 24 -1.28 42.86 33.52
C PRO D 24 -2.70 42.41 33.82
N SER D 25 -3.42 41.87 32.83
CA SER D 25 -4.82 41.49 32.95
C SER D 25 -5.03 39.97 33.00
N ILE D 26 -3.96 39.17 32.95
CA ILE D 26 -4.08 37.72 32.94
C ILE D 26 -3.31 37.19 34.14
N GLU D 27 -4.04 36.80 35.18
CA GLU D 27 -3.48 36.26 36.42
C GLU D 27 -3.14 34.78 36.26
N ILE D 28 -1.94 34.38 36.67
CA ILE D 28 -1.55 32.96 36.62
C ILE D 28 -1.77 32.35 37.99
N VAL D 29 -2.60 31.32 38.05
CA VAL D 29 -2.92 30.77 39.37
C VAL D 29 -2.27 29.42 39.62
N GLY D 30 -1.65 28.81 38.60
CA GLY D 30 -0.90 27.60 38.77
C GLY D 30 -0.22 27.17 37.49
N ILE D 31 0.91 26.49 37.61
CA ILE D 31 1.57 25.86 36.46
C ILE D 31 1.81 24.39 36.79
N SER D 32 1.21 23.50 36.00
CA SER D 32 1.28 22.06 36.23
C SER D 32 2.17 21.46 35.16
N CYS D 33 3.32 20.96 35.57
CA CYS D 33 4.33 20.48 34.65
C CYS D 33 4.21 18.96 34.49
N ILE D 34 4.75 18.46 33.38
CA ILE D 34 4.38 17.15 32.88
C ILE D 34 5.39 16.76 31.82
N GLY D 35 5.73 15.46 31.78
CA GLY D 35 6.72 15.00 30.81
C GLY D 35 6.28 15.21 29.37
N GLY D 36 7.15 15.84 28.58
CA GLY D 36 6.91 16.07 27.16
C GLY D 36 8.18 16.21 26.33
N ASN D 37 8.46 17.42 25.82
CA ASN D 37 9.74 17.67 25.14
C ASN D 37 10.92 17.15 25.97
N ALA D 38 10.89 17.40 27.27
CA ALA D 38 11.90 16.96 28.21
C ALA D 38 11.24 16.27 29.40
N SER D 39 12.04 15.54 30.18
CA SER D 39 11.53 14.81 31.33
C SER D 39 10.97 15.77 32.37
N LEU D 40 10.19 15.24 33.30
CA LEU D 40 9.59 16.02 34.36
C LEU D 40 10.65 16.80 35.14
N GLN D 41 11.78 16.16 35.40
CA GLN D 41 12.87 16.79 36.13
C GLN D 41 13.27 18.09 35.45
N ASN D 42 13.35 18.05 34.13
CA ASN D 42 13.70 19.21 33.32
C ASN D 42 12.61 20.26 33.38
N VAL D 43 11.38 19.87 33.05
CA VAL D 43 10.29 20.83 32.92
C VAL D 43 10.06 21.59 34.22
N ILE D 44 10.20 20.94 35.37
CA ILE D 44 10.18 21.71 36.62
C ILE D 44 11.35 22.70 36.63
N ARG D 45 12.57 22.21 36.38
CA ARG D 45 13.74 23.09 36.40
C ARG D 45 13.54 24.30 35.49
N ASN D 46 12.92 24.07 34.33
CA ASN D 46 12.87 25.04 33.23
C ASN D 46 11.70 26.00 33.34
N VAL D 47 10.56 25.53 33.81
CA VAL D 47 9.56 26.47 34.30
C VAL D 47 10.18 27.41 35.33
N ASN D 48 10.93 26.85 36.29
CA ASN D 48 11.60 27.71 37.27
C ASN D 48 12.41 28.78 36.57
N ARG D 49 13.19 28.35 35.56
CA ARG D 49 14.01 29.27 34.78
C ARG D 49 13.19 30.41 34.20
N THR D 50 12.12 30.10 33.47
CA THR D 50 11.29 31.15 32.87
C THR D 50 10.79 32.10 33.95
N LEU D 51 10.36 31.56 35.08
CA LEU D 51 9.87 32.43 36.14
C LEU D 51 10.97 33.41 36.56
N LYS D 52 12.11 32.87 37.02
CA LYS D 52 13.23 33.70 37.45
C LYS D 52 13.65 34.72 36.37
N VAL D 53 13.73 34.29 35.10
CA VAL D 53 14.14 35.22 34.05
C VAL D 53 13.17 36.38 33.99
N TRP D 54 11.87 36.10 34.22
CA TRP D 54 10.91 37.19 34.05
C TRP D 54 10.85 38.11 35.28
N GLY D 55 10.95 37.56 36.47
CA GLY D 55 10.93 38.34 37.69
C GLY D 55 9.79 38.01 38.63
N LYS D 56 8.70 37.42 38.14
CA LYS D 56 7.62 37.01 39.03
C LYS D 56 7.62 35.49 39.15
N THR D 57 8.12 34.99 40.27
CA THR D 57 8.12 33.56 40.52
C THR D 57 7.13 33.14 41.60
N ASP D 58 6.25 34.06 42.00
CA ASP D 58 5.25 33.77 43.02
C ASP D 58 4.23 32.73 42.59
N ILE D 59 4.20 32.43 41.30
CA ILE D 59 3.27 31.44 40.75
C ILE D 59 3.63 30.04 41.21
N PRO D 60 2.66 29.34 41.83
CA PRO D 60 2.90 27.98 42.32
C PRO D 60 3.13 27.01 41.17
N ILE D 61 4.10 26.12 41.36
CA ILE D 61 4.46 25.12 40.36
C ILE D 61 4.21 23.75 40.94
N PHE D 62 3.51 22.91 40.17
CA PHE D 62 3.21 21.54 40.56
C PHE D 62 3.73 20.58 39.50
N GLY D 63 4.04 19.35 39.93
CA GLY D 63 4.54 18.32 39.04
C GLY D 63 3.46 17.31 38.70
N GLY D 64 3.24 17.11 37.39
CA GLY D 64 2.28 16.13 36.93
C GLY D 64 2.88 14.74 36.88
N CYS D 65 2.67 14.01 35.79
CA CYS D 65 3.19 12.65 35.70
C CYS D 65 4.48 12.59 34.91
N GLN D 66 5.16 11.45 35.07
CA GLN D 66 6.45 11.21 34.47
C GLN D 66 6.34 10.53 33.11
N ALA D 67 5.15 10.09 32.72
CA ALA D 67 4.97 9.29 31.51
C ALA D 67 3.76 9.77 30.71
N PRO D 68 3.48 9.19 29.55
CA PRO D 68 2.13 9.32 29.00
C PRO D 68 1.16 8.44 29.78
N LEU D 69 -0.06 8.30 29.25
CA LEU D 69 -1.04 7.41 29.84
C LEU D 69 -0.76 5.95 29.48
N VAL D 70 -0.91 5.59 28.21
CA VAL D 70 -0.65 4.23 27.73
C VAL D 70 0.58 4.18 26.83
N GLN D 71 0.76 5.16 25.95
CA GLN D 71 1.91 5.17 25.06
C GLN D 71 3.22 5.35 25.83
N PRO D 72 4.38 4.93 25.28
CA PRO D 72 5.63 5.24 25.97
C PRO D 72 6.22 6.57 25.54
N LYS D 73 7.49 6.77 25.89
CA LYS D 73 8.22 7.98 25.56
C LYS D 73 8.81 8.00 24.15
N MET D 74 8.91 6.83 23.52
CA MET D 74 9.24 6.62 22.10
C MET D 74 10.62 7.25 21.79
N GLU D 75 10.72 8.00 20.71
CA GLU D 75 12.00 8.50 20.19
C GLU D 75 11.98 10.03 20.26
N ILE D 76 12.85 10.58 21.10
CA ILE D 76 12.97 12.02 21.24
C ILE D 76 14.36 12.44 20.79
N PRO D 77 14.42 13.28 19.75
CA PRO D 77 15.69 13.77 19.19
C PRO D 77 16.16 15.09 19.79
N HIS D 78 15.79 15.34 21.06
CA HIS D 78 16.17 16.56 21.76
C HIS D 78 15.90 17.81 20.94
N ILE D 79 14.67 17.91 20.41
CA ILE D 79 14.28 19.07 19.62
C ILE D 79 14.47 20.31 20.46
N HIS D 80 14.52 20.11 21.78
CA HIS D 80 14.72 21.19 22.72
C HIS D 80 16.00 21.01 23.54
N GLY D 81 16.77 19.97 23.29
CA GLY D 81 18.04 19.82 23.94
C GLY D 81 18.04 18.77 25.03
N GLY D 82 19.07 18.85 25.86
CA GLY D 82 19.26 17.91 26.95
C GLY D 82 18.48 18.37 28.16
N ASP D 83 18.55 19.66 28.49
CA ASP D 83 17.66 20.19 29.50
C ASP D 83 16.28 20.49 28.95
N GLY D 84 16.08 20.32 27.65
CA GLY D 84 14.81 20.58 27.05
C GLY D 84 14.50 22.03 26.81
N LEU D 85 15.49 22.92 26.83
CA LEU D 85 15.24 24.32 26.47
C LEU D 85 16.51 25.00 25.95
N GLY D 86 17.05 24.48 24.86
CA GLY D 86 18.21 25.09 24.24
C GLY D 86 19.53 24.90 24.96
N ASP D 87 19.54 24.23 26.11
CA ASP D 87 20.74 24.07 26.93
C ASP D 87 21.40 25.42 27.21
N ILE D 88 20.68 26.24 27.97
CA ILE D 88 21.26 27.48 28.43
C ILE D 88 22.01 27.21 29.72
N ASN D 89 22.91 28.13 30.05
CA ASN D 89 23.70 28.02 31.27
C ASN D 89 23.06 28.95 32.28
N ASP D 90 22.68 28.39 33.43
CA ASP D 90 21.92 29.17 34.38
C ASP D 90 22.76 30.29 34.97
N ASN D 91 24.07 30.22 34.79
CA ASN D 91 24.95 31.27 35.30
C ASN D 91 25.00 32.52 34.42
N ASP D 92 24.36 32.46 33.22
CA ASP D 92 24.18 33.57 32.29
C ASP D 92 22.90 34.36 32.65
N PHE D 93 22.06 33.77 33.51
CA PHE D 93 20.75 34.26 33.91
C PHE D 93 20.68 34.42 35.43
N GLY D 94 21.69 33.92 36.15
CA GLY D 94 21.67 33.86 37.59
C GLY D 94 20.63 32.86 38.07
N THR D 95 20.33 31.84 37.27
CA THR D 95 19.31 30.82 37.57
C THR D 95 19.91 29.54 38.14
N ASN D 96 21.07 29.63 38.81
CA ASN D 96 21.63 28.42 39.42
C ASN D 96 21.21 28.30 40.88
N THR D 97 20.19 29.03 41.25
CA THR D 97 19.55 29.14 42.56
C THR D 97 18.71 27.90 42.84
N PRO D 98 18.04 27.75 43.98
CA PRO D 98 17.16 26.58 44.17
C PRO D 98 15.88 26.67 43.34
N ASN D 99 15.25 25.52 43.15
CA ASN D 99 14.01 25.44 42.39
C ASN D 99 12.80 25.39 43.32
N LYS D 100 11.68 25.90 42.83
CA LYS D 100 10.41 25.90 43.56
C LYS D 100 9.48 24.85 42.97
N LEU D 101 9.04 23.92 43.81
CA LEU D 101 7.97 22.98 43.50
C LEU D 101 7.11 22.81 44.73
N GLU D 102 5.83 22.53 44.52
CA GLU D 102 4.94 22.32 45.64
C GLU D 102 4.84 20.84 45.99
N LYS D 103 4.10 20.57 47.07
CA LYS D 103 3.92 19.22 47.59
C LYS D 103 2.79 18.46 46.90
N GLU D 104 1.75 19.16 46.46
CA GLU D 104 0.63 18.47 45.85
C GLU D 104 1.02 17.98 44.45
N HIS D 105 0.28 16.97 43.99
CA HIS D 105 0.42 16.48 42.64
C HIS D 105 -0.40 17.34 41.71
N ALA D 106 0.22 17.74 40.59
CA ALA D 106 -0.37 18.70 39.66
C ALA D 106 -1.81 18.41 39.31
N VAL D 107 -2.23 17.16 39.32
CA VAL D 107 -3.63 16.82 39.06
C VAL D 107 -4.50 17.21 40.23
N ASN D 108 -4.01 17.02 41.45
CA ASN D 108 -4.80 17.42 42.59
C ASN D 108 -4.89 18.92 42.68
N ALA D 109 -3.77 19.62 42.51
CA ALA D 109 -3.83 21.08 42.43
C ALA D 109 -4.78 21.52 41.33
N LEU D 110 -4.70 20.87 40.17
CA LEU D 110 -5.59 21.18 39.05
C LEU D 110 -7.05 21.12 39.46
N ILE D 111 -7.49 19.96 39.96
CA ILE D 111 -8.91 19.77 40.29
C ILE D 111 -9.32 20.75 41.38
N HIS D 112 -8.45 21.00 42.37
CA HIS D 112 -8.80 21.93 43.44
C HIS D 112 -9.02 23.34 42.89
N ALA D 113 -8.11 23.78 42.01
CA ALA D 113 -8.29 25.05 41.32
C ALA D 113 -9.64 25.12 40.64
N ALA D 114 -9.96 24.09 39.84
CA ALA D 114 -11.25 24.05 39.14
C ALA D 114 -12.45 23.98 40.08
N ASN D 115 -12.27 23.44 41.29
CA ASN D 115 -13.39 23.29 42.21
C ASN D 115 -13.72 24.59 42.90
N THR D 116 -12.73 25.42 43.22
CA THR D 116 -13.01 26.61 44.02
C THR D 116 -12.96 27.93 43.23
N ILE D 117 -11.80 28.28 42.63
CA ILE D 117 -11.62 29.60 42.04
C ILE D 117 -12.49 29.78 40.81
N GLU D 118 -12.97 31.01 40.61
CA GLU D 118 -14.06 31.23 39.67
C GLU D 118 -13.51 31.58 38.30
N ASP D 119 -14.34 31.28 37.28
CA ASP D 119 -14.08 31.69 35.90
C ASP D 119 -12.65 31.33 35.49
N LEU D 120 -12.21 30.11 35.85
CA LEU D 120 -10.84 29.70 35.58
C LEU D 120 -10.72 29.14 34.17
N ASN D 121 -9.59 29.42 33.53
CA ASN D 121 -9.29 28.96 32.19
C ASN D 121 -8.05 28.07 32.18
N ILE D 122 -8.01 27.20 31.19
CA ILE D 122 -6.90 26.28 31.05
C ILE D 122 -6.17 26.55 29.75
N LEU D 123 -4.84 26.61 29.80
CA LEU D 123 -4.04 26.65 28.57
C LEU D 123 -3.02 25.52 28.61
N CYS D 124 -3.18 24.57 27.71
CA CYS D 124 -2.39 23.36 27.68
C CYS D 124 -1.43 23.41 26.51
N LEU D 125 -0.17 23.25 26.83
CA LEU D 125 0.94 23.32 25.91
C LEU D 125 1.74 22.02 25.98
N ALA D 126 1.04 20.91 26.16
CA ALA D 126 1.75 19.67 26.39
C ALA D 126 0.83 18.49 26.11
N PRO D 127 1.34 17.27 26.20
CA PRO D 127 0.46 16.11 26.32
C PRO D 127 -0.54 16.29 27.46
N LEU D 128 -1.77 15.87 27.19
CA LEU D 128 -2.89 16.12 28.08
C LEU D 128 -3.07 15.03 29.12
N THR D 129 -1.97 14.34 29.48
CA THR D 129 -2.02 13.29 30.49
C THR D 129 -2.55 13.80 31.82
N ASN D 130 -2.07 14.96 32.27
CA ASN D 130 -2.53 15.51 33.54
C ASN D 130 -4.02 15.79 33.50
N ILE D 131 -4.47 16.48 32.45
CA ILE D 131 -5.88 16.86 32.36
C ILE D 131 -6.76 15.63 32.17
N ALA D 132 -6.30 14.66 31.40
CA ALA D 132 -7.02 13.40 31.27
C ALA D 132 -7.20 12.71 32.62
N ILE D 133 -6.14 12.58 33.40
CA ILE D 133 -6.35 11.88 34.66
C ILE D 133 -7.22 12.74 35.59
N ALA D 134 -7.10 14.07 35.51
CA ALA D 134 -7.89 14.92 36.40
C ALA D 134 -9.37 14.92 36.01
N LEU D 135 -9.65 14.80 34.72
CA LEU D 135 -11.01 14.61 34.25
C LEU D 135 -11.57 13.25 34.71
N SER D 136 -10.77 12.19 34.63
CA SER D 136 -11.29 10.89 35.05
C SER D 136 -11.60 10.89 36.54
N MET D 137 -10.63 11.33 37.36
CA MET D 137 -10.80 11.34 38.80
C MET D 137 -11.92 12.28 39.26
N ALA D 138 -12.14 13.39 38.55
CA ALA D 138 -13.16 14.36 38.93
C ALA D 138 -13.67 15.11 37.71
N PRO D 139 -14.53 14.49 36.90
CA PRO D 139 -15.09 15.23 35.74
C PRO D 139 -15.93 16.43 36.15
N GLU D 140 -16.70 16.29 37.22
CA GLU D 140 -17.61 17.33 37.64
C GLU D 140 -16.89 18.61 38.05
N ALA D 141 -15.61 18.53 38.39
CA ALA D 141 -14.90 19.72 38.83
C ALA D 141 -14.14 20.38 37.68
N ILE D 142 -13.47 19.58 36.86
CA ILE D 142 -12.86 20.08 35.63
C ILE D 142 -13.92 20.68 34.69
N LEU D 143 -15.16 20.20 34.76
CA LEU D 143 -16.24 20.75 33.94
C LEU D 143 -16.68 22.15 34.39
N LYS D 144 -16.24 22.58 35.58
CA LYS D 144 -16.39 23.95 36.05
C LYS D 144 -15.43 24.92 35.36
N ILE D 145 -14.49 24.43 34.54
CA ILE D 145 -13.56 25.32 33.81
C ILE D 145 -14.29 26.08 32.72
N LYS D 146 -14.06 27.39 32.65
CA LYS D 146 -14.82 28.22 31.72
C LYS D 146 -14.42 27.97 30.27
N HIS D 147 -13.14 27.77 30.02
CA HIS D 147 -12.68 27.63 28.65
C HIS D 147 -11.37 26.86 28.66
N PHE D 148 -11.13 26.18 27.54
CA PHE D 148 -9.92 25.44 27.26
C PHE D 148 -9.25 26.02 26.03
N TYR D 149 -7.95 26.25 26.14
CA TYR D 149 -7.11 26.55 25.00
C TYR D 149 -6.03 25.48 24.99
N ILE D 150 -5.92 24.77 23.88
CA ILE D 150 -4.97 23.66 23.75
C ILE D 150 -4.19 23.81 22.45
N MET D 151 -2.88 23.67 22.53
CA MET D 151 -2.11 23.52 21.31
C MET D 151 -1.94 22.02 21.04
N GLY D 152 -2.49 21.56 19.94
CA GLY D 152 -2.31 20.18 19.59
C GLY D 152 -2.98 19.85 18.28
N GLY D 153 -2.54 18.77 17.67
CA GLY D 153 -3.11 18.29 16.43
C GLY D 153 -2.53 18.96 15.19
N ALA D 154 -2.89 18.39 14.04
CA ALA D 154 -2.54 18.96 12.74
C ALA D 154 -3.65 18.49 11.81
N GLU D 155 -4.81 19.13 11.94
CA GLU D 155 -5.97 18.76 11.15
C GLU D 155 -5.67 18.69 9.65
N ASN D 156 -4.64 19.39 9.20
CA ASN D 156 -4.15 19.25 7.84
C ASN D 156 -3.17 18.08 7.79
N GLY D 157 -3.25 17.33 6.69
CA GLY D 157 -2.42 16.16 6.43
C GLY D 157 -1.22 15.90 7.30
N LYS D 158 -0.12 16.62 7.06
CA LYS D 158 1.16 16.27 7.66
C LYS D 158 1.30 16.88 9.05
N GLY D 159 2.49 16.69 9.63
CA GLY D 159 2.68 16.91 11.05
C GLY D 159 3.98 17.67 11.36
N ASN D 160 4.55 17.34 12.52
CA ASN D 160 5.80 17.95 12.96
C ASN D 160 6.82 16.85 13.26
N ILE D 161 6.37 15.81 13.97
CA ILE D 161 7.23 14.68 14.32
C ILE D 161 6.66 13.40 13.73
N THR D 162 5.41 13.49 13.28
CA THR D 162 4.71 12.36 12.67
C THR D 162 4.39 12.75 11.24
N PRO D 163 4.42 11.80 10.31
CA PRO D 163 3.97 12.14 8.95
C PRO D 163 2.51 12.57 8.92
N TYR D 164 1.73 12.27 9.98
CA TYR D 164 0.27 12.48 10.06
C TYR D 164 -0.19 13.25 11.29
N GLY D 165 0.35 12.95 12.49
CA GLY D 165 -0.06 13.62 13.71
C GLY D 165 0.88 14.75 14.16
N GLU D 166 0.52 15.34 15.31
CA GLU D 166 1.29 16.41 15.94
C GLU D 166 1.76 15.96 17.32
N PHE D 167 2.92 16.46 17.73
CA PHE D 167 3.64 15.95 18.89
C PHE D 167 2.77 15.87 20.14
N ASN D 168 2.09 16.97 20.49
CA ASN D 168 1.42 17.02 21.80
C ASN D 168 0.29 16.01 21.89
N TRP D 169 -0.26 15.61 20.75
CA TRP D 169 -1.35 14.66 20.74
C TRP D 169 -0.92 13.27 20.34
N ARG D 170 -0.10 13.13 19.30
CA ARG D 170 0.55 11.86 19.05
C ARG D 170 1.25 11.31 20.29
N ALA D 171 1.79 12.17 21.15
CA ALA D 171 2.54 11.68 22.30
C ALA D 171 1.65 10.89 23.24
N ASP D 172 0.41 11.33 23.43
CA ASP D 172 -0.57 10.62 24.26
C ASP D 172 -1.94 10.79 23.64
N PRO D 173 -2.20 10.14 22.50
CA PRO D 173 -3.52 10.29 21.88
C PRO D 173 -4.65 9.80 22.76
N GLU D 174 -4.39 8.90 23.70
CA GLU D 174 -5.46 8.51 24.61
C GLU D 174 -5.94 9.71 25.42
N ALA D 175 -5.02 10.42 26.09
CA ALA D 175 -5.43 11.61 26.84
C ALA D 175 -6.10 12.62 25.94
N ALA D 176 -5.53 12.83 24.75
CA ALA D 176 -6.16 13.71 23.78
C ALA D 176 -7.62 13.35 23.59
N GLN D 177 -7.90 12.11 23.16
CA GLN D 177 -9.28 11.70 22.88
C GLN D 177 -10.13 11.76 24.15
N ILE D 178 -9.51 11.54 25.31
CA ILE D 178 -10.23 11.72 26.56
C ILE D 178 -10.80 13.13 26.64
N VAL D 179 -9.92 14.14 26.54
CA VAL D 179 -10.40 15.52 26.69
C VAL D 179 -11.35 15.90 25.57
N LEU D 180 -11.13 15.37 24.36
CA LEU D 180 -12.05 15.69 23.26
C LEU D 180 -13.44 15.11 23.49
N GLN D 181 -13.56 13.98 24.20
CA GLN D 181 -14.85 13.31 24.41
C GLN D 181 -15.44 13.54 25.80
N THR D 182 -14.72 14.18 26.69
CA THR D 182 -15.19 14.39 28.05
C THR D 182 -15.34 15.87 28.42
N TYR D 183 -14.60 16.81 27.74
CA TYR D 183 -14.82 18.24 27.91
C TYR D 183 -15.53 18.81 26.67
N PRO D 184 -16.47 19.74 26.85
CA PRO D 184 -17.26 20.22 25.70
C PRO D 184 -16.40 20.90 24.65
N GLN D 185 -16.40 20.35 23.44
CA GLN D 185 -15.62 20.95 22.36
C GLN D 185 -16.06 22.39 22.06
N TYR D 186 -17.30 22.78 22.40
CA TYR D 186 -17.70 24.14 22.08
C TYR D 186 -17.00 25.16 22.95
N GLN D 187 -16.67 24.79 24.19
CA GLN D 187 -15.87 25.64 25.08
C GLN D 187 -14.37 25.37 24.98
N THR D 188 -13.92 24.97 23.80
CA THR D 188 -12.55 24.59 23.55
C THR D 188 -12.08 25.32 22.30
N THR D 189 -10.80 25.68 22.29
CA THR D 189 -10.17 26.28 21.11
C THR D 189 -8.83 25.60 20.89
N ILE D 190 -8.47 25.39 19.62
CA ILE D 190 -7.34 24.56 19.22
C ILE D 190 -6.35 25.37 18.40
N ALA D 191 -5.08 25.31 18.80
CA ALA D 191 -3.94 25.84 18.03
C ALA D 191 -3.23 24.67 17.34
N SER D 192 -3.54 24.45 16.08
CA SER D 192 -2.96 23.33 15.38
C SER D 192 -1.50 23.59 15.04
N TRP D 193 -0.76 22.50 14.93
CA TRP D 193 0.59 22.58 14.41
C TRP D 193 0.59 23.13 12.99
N THR D 194 -0.40 22.75 12.19
CA THR D 194 -0.46 23.31 10.85
C THR D 194 -0.69 24.82 10.91
N LEU D 195 -1.32 25.32 11.98
CA LEU D 195 -1.38 26.76 12.21
C LEU D 195 -0.02 27.35 12.52
N ALA D 196 0.91 26.50 13.00
CA ALA D 196 2.25 26.97 13.30
C ALA D 196 3.16 26.91 12.09
N VAL D 197 2.93 25.99 11.15
CA VAL D 197 3.69 26.10 9.93
C VAL D 197 3.14 27.20 9.07
N PHE D 198 1.82 27.29 8.87
CA PHE D 198 1.28 28.36 8.03
C PHE D 198 1.66 29.74 8.50
N ASN D 199 1.55 29.92 9.79
CA ASN D 199 1.87 31.16 10.43
C ASN D 199 3.33 31.11 10.87
N SER D 200 4.24 30.66 10.01
CA SER D 200 5.64 30.68 10.40
C SER D 200 6.43 31.81 9.77
N PHE D 201 7.59 32.05 10.35
CA PHE D 201 8.42 33.12 9.95
C PHE D 201 9.78 32.79 9.42
N ASN D 202 10.10 33.34 8.27
CA ASN D 202 11.40 33.11 7.75
C ASN D 202 12.34 33.84 8.69
N ALA D 203 13.03 33.09 9.50
CA ALA D 203 13.95 33.67 10.43
C ALA D 203 15.00 34.48 9.72
N ASN D 204 15.14 34.27 8.42
CA ASN D 204 16.17 34.99 7.68
C ASN D 204 15.68 36.39 7.33
N ASP D 205 14.40 36.66 7.59
CA ASP D 205 13.82 37.95 7.31
C ASP D 205 13.15 38.58 8.54
N TYR D 206 13.04 37.82 9.63
CA TYR D 206 12.41 38.35 10.82
C TYR D 206 13.35 38.17 12.02
N ASP D 207 13.29 39.12 12.96
CA ASP D 207 14.37 39.34 13.90
C ASP D 207 13.98 39.22 15.37
N PHE D 208 12.69 39.10 15.68
CA PHE D 208 12.23 39.24 17.06
C PHE D 208 12.78 38.15 17.99
N PHE D 209 13.35 37.09 17.46
CA PHE D 209 14.04 36.13 18.31
C PHE D 209 15.56 36.29 18.25
N ASN D 210 16.02 37.44 17.74
CA ASN D 210 17.42 37.87 17.77
C ASN D 210 17.41 39.31 18.27
N LEU D 211 17.51 39.50 19.59
CA LEU D 211 17.70 40.80 20.21
C LEU D 211 18.60 40.64 21.43
N ASP D 212 19.50 41.59 21.64
CA ASP D 212 20.22 41.62 22.90
C ASP D 212 19.76 42.85 23.66
N GLY D 213 20.37 43.06 24.83
CA GLY D 213 19.85 44.01 25.79
C GLY D 213 19.46 43.25 27.02
N ASN D 214 18.21 43.41 27.49
CA ASN D 214 17.82 42.89 28.80
C ASN D 214 17.78 41.36 28.78
N LEU D 215 17.65 40.74 29.96
CA LEU D 215 17.63 39.28 30.06
C LEU D 215 16.48 38.64 29.32
N VAL D 216 15.35 39.33 29.14
CA VAL D 216 14.24 38.74 28.38
C VAL D 216 14.68 38.44 26.96
N ARG D 217 15.36 39.41 26.32
CA ARG D 217 15.93 39.21 25.00
C ARG D 217 17.00 38.11 25.02
N ARG D 218 17.94 38.17 25.98
CA ARG D 218 18.96 37.12 26.11
C ARG D 218 18.32 35.74 26.13
N PHE D 219 17.38 35.53 27.06
CA PHE D 219 16.66 34.27 27.18
C PHE D 219 16.00 33.86 25.86
N ILE D 220 15.13 34.70 25.31
CA ILE D 220 14.39 34.29 24.11
C ILE D 220 15.33 33.89 22.99
N ARG D 221 16.27 34.78 22.65
CA ARG D 221 17.27 34.54 21.61
C ARG D 221 17.99 33.21 21.83
N GLU D 222 18.56 33.00 23.02
CA GLU D 222 19.45 31.86 23.20
C GLU D 222 18.69 30.54 23.36
N THR D 223 17.44 30.58 23.79
CA THR D 223 16.65 29.36 23.76
C THR D 223 16.22 29.01 22.34
N TRP D 224 15.79 30.00 21.57
CA TRP D 224 15.22 29.72 20.26
C TRP D 224 16.24 29.44 19.18
N LYS D 225 17.52 29.73 19.40
CA LYS D 225 18.53 29.35 18.41
C LYS D 225 18.39 27.89 17.95
N PRO D 226 18.56 26.86 18.82
CA PRO D 226 18.54 25.47 18.37
C PRO D 226 17.26 25.06 17.65
N ILE D 227 16.09 25.29 18.25
CA ILE D 227 14.89 24.71 17.66
C ILE D 227 14.50 25.41 16.36
N ILE D 228 14.92 26.67 16.18
CA ILE D 228 14.82 27.30 14.87
C ILE D 228 15.71 26.57 13.86
N ALA D 229 16.95 26.21 14.27
CA ALA D 229 17.75 25.41 13.35
C ALA D 229 17.04 24.10 12.98
N PHE D 230 16.56 23.34 13.97
CA PHE D 230 15.93 22.04 13.69
C PHE D 230 14.74 22.15 12.74
N ASP D 231 13.94 23.22 12.88
CA ASP D 231 12.75 23.44 12.04
C ASP D 231 13.09 24.19 10.76
N GLY D 232 14.14 23.73 10.05
CA GLY D 232 14.51 24.22 8.73
C GLY D 232 14.94 25.67 8.65
N GLY D 233 15.06 26.33 9.81
CA GLY D 233 15.36 27.73 9.85
C GLY D 233 14.15 28.63 9.97
N ARG D 234 12.95 28.04 10.03
CA ARG D 234 11.71 28.81 10.16
C ARG D 234 11.44 29.04 11.65
N ILE D 235 10.39 29.79 11.94
CA ILE D 235 9.89 29.92 13.30
C ILE D 235 8.45 29.42 13.26
N CYS D 236 8.23 28.21 13.78
CA CYS D 236 6.88 27.63 13.88
C CYS D 236 6.48 27.71 15.34
N PRO D 237 5.90 28.84 15.81
CA PRO D 237 5.70 29.07 17.26
C PRO D 237 4.35 28.63 17.82
N ALA D 238 4.22 27.32 18.04
CA ALA D 238 2.93 26.71 18.34
C ALA D 238 2.31 27.25 19.64
N ASP D 239 3.01 27.05 20.76
CA ASP D 239 2.61 27.52 22.07
C ASP D 239 2.52 29.03 22.16
N PRO D 240 3.46 29.80 21.59
CA PRO D 240 3.27 31.25 21.59
C PRO D 240 1.99 31.67 20.89
N LEU D 241 1.57 30.94 19.86
CA LEU D 241 0.30 31.26 19.22
C LEU D 241 -0.88 30.82 20.07
N ALA D 242 -0.78 29.65 20.68
CA ALA D 242 -1.81 29.24 21.63
C ALA D 242 -2.01 30.33 22.68
N ALA D 243 -0.94 30.78 23.33
CA ALA D 243 -1.08 31.82 24.34
C ALA D 243 -1.55 33.14 23.73
N PHE D 244 -1.08 33.45 22.54
CA PHE D 244 -1.60 34.60 21.82
C PHE D 244 -3.13 34.58 21.83
N ILE D 245 -3.73 33.46 21.41
CA ILE D 245 -5.20 33.31 21.39
C ILE D 245 -5.80 33.36 22.80
N ALA D 246 -5.24 32.60 23.73
CA ALA D 246 -5.86 32.53 25.05
C ALA D 246 -5.86 33.90 25.72
N VAL D 247 -4.70 34.57 25.76
CA VAL D 247 -4.63 35.87 26.43
C VAL D 247 -5.33 36.93 25.58
N TYR D 248 -4.85 37.15 24.36
CA TYR D 248 -5.46 38.12 23.44
C TYR D 248 -6.58 37.42 22.66
N GLY D 249 -7.82 37.85 22.89
CA GLY D 249 -8.99 37.18 22.36
C GLY D 249 -9.10 37.10 20.85
N ASP D 250 -10.22 37.58 20.30
CA ASP D 250 -10.57 37.31 18.91
C ASP D 250 -9.79 38.16 17.91
N ARG D 251 -9.24 39.31 18.34
CA ARG D 251 -8.42 40.10 17.43
C ARG D 251 -7.08 39.44 17.18
N ALA D 252 -6.83 38.32 17.86
CA ALA D 252 -5.80 37.39 17.48
C ALA D 252 -6.22 36.46 16.34
N ILE D 253 -7.51 36.19 16.18
CA ILE D 253 -8.00 35.21 15.22
C ILE D 253 -8.56 35.94 14.01
N LYS D 254 -8.01 35.66 12.84
CA LYS D 254 -8.64 36.22 11.64
C LYS D 254 -9.65 35.26 11.03
N ARG D 255 -9.24 34.02 10.72
CA ARG D 255 -10.16 32.99 10.26
C ARG D 255 -10.14 31.81 11.23
N ALA D 256 -11.28 31.15 11.38
CA ALA D 256 -11.31 29.89 12.11
C ALA D 256 -12.42 29.02 11.55
N GLU D 257 -12.27 27.69 11.69
CA GLU D 257 -13.33 26.73 11.38
C GLU D 257 -13.73 26.00 12.64
N ARG D 258 -15.04 25.75 12.81
CA ARG D 258 -15.53 24.95 13.93
C ARG D 258 -15.69 23.51 13.46
N LEU D 259 -14.86 22.62 13.99
CA LEU D 259 -14.80 21.23 13.60
C LEU D 259 -14.79 20.33 14.83
N HIS D 260 -15.51 19.22 14.74
CA HIS D 260 -15.51 18.18 15.77
C HIS D 260 -14.29 17.31 15.56
N LEU D 261 -13.52 17.09 16.61
CA LEU D 261 -12.23 16.46 16.48
C LEU D 261 -12.18 15.13 17.23
N SER D 262 -11.28 14.28 16.76
CA SER D 262 -11.22 12.92 17.26
C SER D 262 -9.85 12.33 16.95
N MET D 263 -9.53 11.35 17.76
CA MET D 263 -8.21 10.79 17.79
C MET D 263 -8.25 9.42 17.15
N VAL D 264 -7.43 9.23 16.14
CA VAL D 264 -7.18 7.89 15.66
C VAL D 264 -6.39 7.18 16.73
N LEU D 265 -7.06 6.28 17.45
CA LEU D 265 -6.41 5.44 18.44
C LEU D 265 -5.99 4.10 17.88
N GLU D 266 -5.95 3.98 16.55
CA GLU D 266 -5.68 2.72 15.88
C GLU D 266 -4.70 2.93 14.74
N GLY D 267 -4.42 1.84 14.03
CA GLY D 267 -3.75 1.87 12.74
C GLY D 267 -2.43 2.62 12.58
N GLU D 268 -1.99 2.69 11.33
CA GLU D 268 -0.86 3.49 10.87
C GLU D 268 -0.97 4.96 11.31
N LYS D 269 -2.20 5.44 11.48
CA LYS D 269 -2.48 6.84 11.71
C LYS D 269 -2.53 7.18 13.20
N LEU D 270 -2.03 6.27 14.02
CA LEU D 270 -2.09 6.44 15.47
C LEU D 270 -1.53 7.80 15.87
N GLY D 271 -2.38 8.60 16.49
CA GLY D 271 -2.03 9.93 16.91
C GLY D 271 -2.51 11.02 16.00
N MET D 272 -3.29 10.69 14.98
CA MET D 272 -3.55 11.65 13.92
C MET D 272 -4.78 12.50 14.22
N SER D 273 -4.68 13.77 13.82
CA SER D 273 -5.81 14.70 13.77
C SER D 273 -7.03 14.10 13.07
N LEU D 274 -8.22 14.32 13.63
CA LEU D 274 -9.48 14.09 12.91
C LEU D 274 -10.45 15.23 13.18
N ALA D 275 -11.03 15.77 12.12
CA ALA D 275 -11.94 16.92 12.21
C ALA D 275 -13.17 16.70 11.33
N GLU D 276 -14.23 17.50 11.61
CA GLU D 276 -15.47 17.52 10.80
C GLU D 276 -16.34 18.77 11.02
N PRO D 277 -16.72 19.52 9.94
CA PRO D 277 -17.49 20.78 10.13
C PRO D 277 -18.74 20.63 11.00
N ASP D 278 -18.64 21.09 12.26
CA ASP D 278 -19.71 21.00 13.24
C ASP D 278 -19.86 22.31 14.01
N GLU D 279 -21.07 22.85 14.02
CA GLU D 279 -21.29 24.18 14.58
C GLU D 279 -21.07 24.20 16.09
N LYS D 280 -21.42 23.13 16.80
CA LYS D 280 -21.22 23.09 18.25
C LYS D 280 -19.97 22.31 18.65
N GLY D 281 -19.16 21.91 17.68
CA GLY D 281 -17.91 21.22 17.98
C GLY D 281 -16.83 22.08 18.58
N CYS D 282 -15.64 22.05 17.97
CA CYS D 282 -14.46 22.75 18.46
C CYS D 282 -14.17 23.96 17.57
N LEU D 283 -13.15 24.75 17.93
CA LEU D 283 -12.83 25.98 17.19
C LEU D 283 -11.37 25.92 16.76
N VAL D 284 -11.08 25.26 15.64
CA VAL D 284 -9.72 25.15 15.14
C VAL D 284 -9.38 26.43 14.39
N VAL D 285 -8.44 27.17 14.93
CA VAL D 285 -8.01 28.41 14.32
C VAL D 285 -7.08 28.11 13.17
N LYS D 286 -7.37 28.72 12.03
CA LYS D 286 -6.66 28.51 10.79
C LYS D 286 -5.67 29.63 10.49
N GLU D 287 -6.10 30.89 10.53
CA GLU D 287 -5.26 32.04 10.20
C GLU D 287 -5.32 33.07 11.32
N CYS D 288 -4.21 33.20 12.04
CA CYS D 288 -4.01 34.15 13.12
C CYS D 288 -3.52 35.51 12.62
N ASP D 289 -3.76 36.54 13.42
CA ASP D 289 -3.24 37.86 13.09
C ASP D 289 -1.73 37.87 13.32
N ALA D 290 -0.97 37.63 12.25
CA ALA D 290 0.49 37.60 12.33
C ALA D 290 1.06 38.96 12.71
N GLU D 291 0.28 40.04 12.59
CA GLU D 291 0.86 41.35 12.83
C GLU D 291 0.93 41.63 14.33
N LEU D 292 -0.19 41.46 15.04
CA LEU D 292 -0.21 41.75 16.47
C LEU D 292 0.53 40.69 17.27
N PHE D 293 0.65 39.45 16.75
CA PHE D 293 1.53 38.47 17.38
C PHE D 293 2.94 39.02 17.56
N VAL D 294 3.56 39.52 16.48
CA VAL D 294 4.90 40.11 16.55
C VAL D 294 4.90 41.40 17.39
N LYS D 295 3.84 42.21 17.28
CA LYS D 295 3.73 43.37 18.15
C LYS D 295 3.90 42.96 19.61
N ILE D 296 3.09 42.00 20.08
CA ILE D 296 3.17 41.68 21.50
C ILE D 296 4.45 40.92 21.80
N LEU D 297 5.08 40.28 20.80
CA LEU D 297 6.40 39.72 21.05
C LEU D 297 7.44 40.80 21.29
N ARG D 298 7.25 41.96 20.67
CA ARG D 298 8.17 43.07 20.82
C ARG D 298 7.83 43.88 22.07
N GLU D 299 6.57 43.80 22.48
CA GLU D 299 6.11 44.51 23.66
C GLU D 299 6.62 43.83 24.93
N LEU D 300 6.86 42.53 24.84
CA LEU D 300 7.36 41.77 25.96
C LEU D 300 8.81 42.11 26.25
N GLN D 301 9.63 42.17 25.20
CA GLN D 301 11.06 42.39 25.27
C GLN D 301 11.42 43.88 25.31
N ASP D 302 10.42 44.77 25.21
CA ASP D 302 10.66 46.20 25.29
C ASP D 302 11.59 46.52 26.46
N HIS D 303 12.41 47.54 26.27
CA HIS D 303 13.17 48.02 27.42
C HIS D 303 12.25 48.65 28.47
N GLN D 304 11.15 49.24 28.05
CA GLN D 304 10.25 50.01 28.92
C GLN D 304 11.02 50.93 29.90
#